data_6CI1
#
_entry.id   6CI1
#
_entity_poly.entity_id   1
_entity_poly.type   'polypeptide(L)'
_entity_poly.pdbx_seq_one_letter_code
;LQFYRNLGKSGLRVSCLGLGTWVTFGGQITDEMAEHLMTLAYDNGINLFDTAEVYAAGKAEVVLGNIIKKKGWRRSSLVI
TTKIFWGGKAETERGLSRKHIIEGLKASLERLQLEYVDVVFANRPDPNTPMEETVRAMTHVINQGMAMYWGTSRWSSMEI
MEAYSVARQFNLIPPICEQAEYHMFQREKVEVQLPELFHKIGVGAMTWSPLACGIVSGKYDSGIPPYSRASLKGYQWLKD
KILSEEGRRQQAKLKELQAIAERLGCTLPQLAIAWCLRNEGVSSVLLGASNAEQLMENIGAIQVLPKLSSSIVHEIDSIL
GNKPYS
;
_entity_poly.pdbx_strand_id   A,B,C,D,E,F,G,H
#
# COMPACT_ATOMS: atom_id res chain seq x y z
CA LEU A 1 17.77 -36.39 2.82
CA GLN A 2 14.38 -37.15 4.17
CA PHE A 3 11.35 -38.84 3.31
CA TYR A 4 9.67 -35.78 4.29
CA ARG A 5 10.44 -32.90 2.33
CA ASN A 6 8.55 -29.76 2.46
CA LEU A 7 6.27 -28.99 -0.23
CA GLY A 8 7.86 -25.87 -1.49
CA LYS A 9 8.06 -22.93 0.68
CA SER A 10 5.03 -24.26 2.30
CA GLY A 11 6.37 -25.29 5.64
CA LEU A 12 4.28 -28.24 4.88
CA ARG A 13 6.09 -31.39 5.03
CA VAL A 14 4.92 -33.87 2.77
CA SER A 15 6.48 -37.10 2.38
CA CYS A 16 8.21 -36.50 -0.86
CA LEU A 17 5.78 -39.05 -2.13
CA GLY A 18 2.04 -38.71 -2.98
CA LEU A 19 -0.58 -40.89 -4.72
CA GLY A 20 -2.51 -39.75 -7.67
CA THR A 21 -5.49 -40.84 -9.71
CA TRP A 22 -5.11 -42.52 -13.00
CA VAL A 23 -8.68 -43.66 -12.88
CA THR A 24 -7.46 -46.76 -11.63
CA PHE A 25 -10.37 -46.46 -9.41
CA GLY A 26 -13.26 -46.25 -11.62
CA GLY A 27 -11.70 -47.86 -14.48
CA GLN A 28 -8.75 -49.96 -14.07
CA ILE A 29 -9.78 -51.41 -10.84
CA THR A 30 -11.97 -51.49 -7.96
CA ASP A 31 -10.94 -49.54 -5.10
CA GLU A 32 -10.43 -51.96 -2.33
CA MET A 33 -7.49 -53.17 -4.07
CA ALA A 34 -6.29 -49.72 -4.30
CA GLU A 35 -7.31 -49.17 -0.93
CA HIS A 36 -5.04 -51.65 0.45
CA LEU A 37 -2.43 -49.93 -1.30
CA MET A 38 -3.54 -46.63 -0.21
CA THR A 39 -4.01 -47.84 3.11
CA LEU A 40 -0.60 -49.00 3.13
CA ALA A 41 0.57 -45.82 1.77
CA TYR A 42 -1.21 -44.17 4.45
CA ASP A 43 0.59 -46.47 6.77
CA ASN A 44 3.70 -45.67 4.98
CA GLY A 45 3.29 -42.13 5.78
CA ILE A 46 2.21 -41.24 2.41
CA ASN A 47 0.22 -38.28 2.55
CA LEU A 48 -1.00 -36.75 -0.47
CA PHE A 49 -3.80 -37.78 -2.82
CA ASP A 50 -5.08 -36.16 -6.00
CA THR A 51 -7.66 -36.18 -8.76
CA ALA A 52 -9.86 -33.73 -10.72
CA GLU A 53 -13.34 -34.02 -11.88
CA VAL A 54 -12.46 -35.49 -15.12
CA TYR A 55 -11.40 -38.62 -13.61
CA ALA A 56 -14.19 -41.10 -13.73
CA ALA A 57 -16.44 -38.11 -14.24
CA GLY A 58 -15.47 -37.14 -10.82
CA LYS A 59 -16.30 -40.42 -9.50
CA ALA A 60 -13.14 -41.85 -8.34
CA GLU A 61 -12.77 -38.89 -6.27
CA VAL A 62 -16.05 -39.44 -4.72
CA VAL A 63 -15.32 -42.92 -4.27
CA LEU A 64 -12.22 -42.13 -2.68
CA GLY A 65 -13.98 -39.74 -0.51
CA ASN A 66 -16.17 -42.48 0.61
CA ILE A 67 -13.52 -44.75 1.15
CA ILE A 68 -11.21 -42.71 3.02
CA LYS A 69 -13.90 -41.64 5.12
CA LYS A 70 -14.93 -45.14 5.41
CA LYS A 71 -11.52 -45.97 6.38
CA GLY A 72 -11.79 -42.97 8.51
CA TRP A 73 -8.86 -41.12 9.81
CA ARG A 74 -7.80 -38.13 11.57
CA ARG A 75 -8.11 -35.49 9.04
CA SER A 76 -4.78 -34.39 9.70
CA SER A 77 -3.14 -37.27 8.23
CA LEU A 78 -4.98 -36.72 5.17
CA VAL A 79 -3.24 -34.73 2.64
CA ILE A 80 -5.65 -34.29 -0.06
CA THR A 81 -5.38 -32.85 -3.32
CA THR A 82 -7.35 -31.98 -6.35
CA LYS A 83 -6.63 -30.44 -9.55
CA ILE A 84 -9.71 -28.68 -10.94
CA PHE A 85 -10.63 -27.38 -14.34
CA TRP A 86 -12.39 -29.34 -16.91
CA GLY A 87 -15.85 -29.32 -15.55
CA GLY A 88 -16.96 -29.75 -19.16
CA LYS A 89 -20.18 -28.93 -20.93
CA ALA A 90 -20.82 -25.39 -21.70
CA GLU A 91 -18.76 -22.36 -20.91
CA THR A 92 -19.49 -22.82 -17.37
CA GLU A 93 -18.16 -26.20 -16.68
CA ARG A 94 -14.55 -26.44 -17.56
CA GLY A 95 -12.56 -23.46 -17.64
CA LEU A 96 -11.59 -21.34 -14.81
CA SER A 97 -14.35 -18.95 -14.04
CA ARG A 98 -14.15 -18.11 -10.48
CA LYS A 99 -17.65 -19.39 -10.50
CA HIS A 100 -16.69 -22.60 -12.12
CA ILE A 101 -13.96 -22.83 -9.75
CA ILE A 102 -15.98 -22.24 -6.83
CA GLU A 103 -18.69 -24.35 -7.81
CA GLY A 104 -16.31 -26.90 -8.86
CA LEU A 105 -14.88 -26.94 -5.57
CA LYS A 106 -18.09 -27.25 -3.89
CA ALA A 107 -18.88 -29.95 -6.24
CA SER A 108 -15.84 -31.57 -5.20
CA LEU A 109 -16.44 -31.13 -1.73
CA GLU A 110 -19.35 -33.20 -1.35
CA ARG A 111 -17.68 -35.85 -3.43
CA LEU A 112 -15.09 -35.65 -0.94
CA GLN A 113 -17.64 -34.97 1.68
CA LEU A 114 -15.10 -32.60 2.70
CA GLU A 115 -13.85 -29.30 3.54
CA TYR A 116 -10.87 -28.68 1.41
CA VAL A 117 -8.07 -29.97 -0.40
CA ASP A 118 -4.98 -29.27 0.80
CA VAL A 119 -4.03 -28.30 -2.67
CA VAL A 120 -6.04 -27.48 -5.57
CA PHE A 121 -4.32 -27.45 -8.80
CA ALA A 122 -4.84 -25.70 -11.99
CA ASN A 123 -5.15 -27.96 -14.96
CA ARG A 124 -3.68 -25.72 -17.35
CA PRO A 125 -3.86 -22.10 -17.46
CA ASP A 126 -5.71 -20.08 -20.01
CA PRO A 127 -5.27 -16.48 -20.87
CA ASN A 128 -8.78 -16.30 -22.11
CA THR A 129 -9.16 -16.12 -18.50
CA PRO A 130 -7.74 -12.98 -17.07
CA MET A 131 -6.46 -15.05 -14.26
CA GLU A 132 -5.45 -13.01 -11.50
CA GLU A 133 -8.57 -12.10 -9.89
CA THR A 134 -9.48 -15.63 -10.17
CA VAL A 135 -6.57 -16.34 -8.20
CA ARG A 136 -7.72 -14.00 -5.55
CA ALA A 137 -11.07 -15.52 -5.45
CA MET A 138 -9.62 -18.82 -5.03
CA THR A 139 -7.50 -17.56 -2.38
CA HIS A 140 -10.61 -16.29 -0.86
CA VAL A 141 -11.97 -19.66 -1.16
CA ILE A 142 -9.13 -21.08 0.69
CA ASN A 143 -10.03 -18.56 3.23
CA GLN A 144 -13.40 -19.83 3.07
CA GLY A 145 -11.84 -22.92 4.17
CA MET A 146 -13.24 -24.49 1.14
CA ALA A 147 -9.66 -25.09 0.45
CA MET A 148 -6.46 -25.03 2.17
CA TYR A 149 -4.05 -24.29 -0.68
CA TRP A 150 -3.64 -24.19 -4.40
CA GLY A 151 -1.04 -24.82 -7.17
CA THR A 152 -0.85 -24.64 -10.97
CA SER A 153 -0.33 -27.20 -13.53
CA ARG A 154 0.87 -27.32 -16.95
CA TRP A 155 1.85 -23.81 -16.78
CA SER A 156 4.73 -21.85 -18.05
CA SER A 157 6.87 -20.74 -15.54
CA MET A 158 6.39 -17.45 -16.92
CA GLU A 159 2.87 -17.59 -16.28
CA ILE A 160 3.37 -18.55 -13.00
CA MET A 161 5.54 -15.85 -12.09
CA GLU A 162 3.21 -13.56 -13.43
CA ALA A 163 0.56 -14.81 -11.44
CA TYR A 164 2.59 -14.53 -8.51
CA SER A 165 3.13 -11.10 -9.24
CA VAL A 166 -0.35 -10.09 -9.41
CA ALA A 167 -0.94 -11.63 -6.31
CA ARG A 168 2.04 -10.28 -4.75
CA GLN A 169 0.85 -6.88 -4.93
CA PHE A 170 -2.48 -8.13 -4.34
CA ASN A 171 -2.02 -9.66 -1.13
CA LEU A 172 -3.31 -12.90 -1.96
CA ILE A 173 -1.14 -15.74 -1.57
CA PRO A 174 0.56 -17.44 -4.40
CA PRO A 175 0.29 -21.09 -4.58
CA ILE A 176 3.14 -23.10 -3.53
CA CYS A 177 3.54 -25.34 -6.46
CA GLU A 178 3.48 -26.22 -10.00
CA GLN A 179 2.78 -29.67 -11.13
CA ALA A 180 4.39 -31.69 -13.76
CA GLU A 181 3.95 -34.85 -15.43
CA TYR A 182 7.44 -36.08 -15.38
CA HIS A 183 10.32 -38.38 -16.08
CA MET A 184 13.16 -38.27 -18.44
CA PHE A 185 11.45 -37.48 -21.49
CA GLN A 186 9.78 -35.34 -19.18
CA ARG A 187 12.85 -34.12 -17.58
CA GLU A 188 12.85 -30.93 -19.16
CA LYS A 189 11.03 -28.30 -17.37
CA VAL A 190 12.37 -29.28 -14.15
CA GLU A 191 15.75 -28.95 -15.09
CA VAL A 192 15.81 -25.82 -16.67
CA GLN A 193 13.24 -23.67 -15.36
CA LEU A 194 12.03 -24.88 -12.25
CA PRO A 195 14.41 -24.35 -9.41
CA GLU A 196 15.06 -20.94 -10.64
CA LEU A 197 11.64 -20.07 -9.77
CA PHE A 198 12.23 -21.69 -6.56
CA HIS A 199 14.95 -19.34 -5.47
CA LYS A 200 13.31 -16.40 -6.77
CA ILE A 201 9.75 -16.85 -6.09
CA GLY A 202 10.20 -19.59 -3.62
CA VAL A 203 7.75 -22.28 -4.68
CA GLY A 204 7.82 -26.07 -4.65
CA ALA A 205 8.03 -28.78 -7.25
CA MET A 206 5.60 -31.46 -7.72
CA THR A 207 5.67 -34.05 -10.27
CA TRP A 208 2.84 -36.18 -11.19
CA SER A 209 2.97 -38.93 -13.65
CA PRO A 210 6.53 -39.22 -12.93
CA LEU A 211 7.28 -42.33 -14.83
CA ALA A 212 5.22 -40.53 -17.24
CA CYS A 213 2.79 -41.94 -14.88
CA GLY A 214 4.14 -45.42 -15.07
CA ILE A 215 4.83 -45.12 -18.78
CA VAL A 216 8.38 -45.33 -17.98
CA SER A 217 7.91 -48.56 -16.17
CA GLY A 218 8.70 -51.10 -18.86
CA LYS A 219 5.27 -52.26 -20.03
CA TYR A 220 6.34 -50.49 -23.11
CA ASP A 221 8.56 -53.45 -23.59
CA SER A 222 6.85 -55.47 -26.22
CA GLY A 223 4.92 -52.36 -26.81
CA ILE A 224 1.88 -52.73 -24.78
CA PRO A 225 1.15 -56.11 -23.46
CA PRO A 226 -2.43 -55.86 -22.55
CA TYR A 227 -2.98 -54.53 -19.08
CA SER A 228 -0.58 -51.89 -19.38
CA ARG A 229 -2.14 -48.74 -18.17
CA ALA A 230 -2.05 -48.14 -21.89
CA SER A 231 -3.83 -51.18 -22.97
CA LEU A 232 -6.92 -49.62 -21.80
CA LYS A 233 -8.88 -46.87 -23.70
CA GLY A 234 -8.59 -43.14 -23.14
CA TYR A 235 -4.91 -42.33 -23.58
CA GLN A 236 -4.88 -43.91 -26.86
CA TRP A 237 -3.59 -40.94 -28.69
CA LEU A 238 -0.72 -41.04 -26.39
CA LYS A 239 -0.85 -44.70 -26.56
CA ASP A 240 -0.26 -44.31 -30.20
CA LYS A 241 2.64 -42.24 -29.13
CA ILE A 242 3.60 -45.11 -27.10
CA LEU A 243 3.48 -47.09 -30.26
CA SER A 244 5.51 -44.34 -31.84
CA GLU A 245 8.71 -44.34 -33.43
CA GLU A 246 10.02 -42.44 -30.69
CA GLY A 247 8.86 -45.13 -28.53
CA ARG A 248 10.92 -47.42 -30.66
CA ARG A 249 13.73 -45.15 -30.04
CA GLN A 250 12.91 -45.30 -26.46
CA GLN A 251 13.29 -48.92 -26.53
CA ALA A 252 16.76 -48.37 -27.35
CA LYS A 253 16.94 -46.21 -24.44
CA LEU A 254 15.12 -48.73 -22.52
CA LYS A 255 17.85 -51.13 -23.06
CA GLU A 256 20.21 -48.82 -21.54
CA LEU A 257 17.84 -48.31 -18.90
CA GLN A 258 17.66 -51.89 -18.38
CA ALA A 259 21.33 -51.94 -18.04
CA ILE A 260 21.16 -49.69 -15.19
CA ALA A 261 18.23 -51.40 -13.66
CA GLU A 262 20.13 -54.49 -13.17
CA ARG A 263 23.19 -52.67 -12.36
CA LEU A 264 22.17 -51.47 -9.10
CA GLY A 265 19.54 -53.97 -9.23
CA CYS A 266 16.07 -52.86 -8.41
CA THR A 267 13.33 -52.56 -10.85
CA LEU A 268 13.94 -50.62 -13.76
CA PRO A 269 10.88 -48.72 -12.87
CA GLN A 270 12.20 -48.50 -9.41
CA LEU A 271 15.23 -47.21 -10.85
CA ALA A 272 13.09 -44.93 -12.75
CA ILE A 273 11.69 -43.66 -9.59
CA ALA A 274 15.01 -43.50 -8.21
CA TRP A 275 16.06 -41.17 -10.91
CA CYS A 276 13.42 -38.99 -9.80
CA LEU A 277 14.86 -39.04 -6.44
CA ARG A 278 18.03 -37.79 -7.71
CA ASN A 279 16.06 -34.63 -7.99
CA GLU A 280 16.15 -32.85 -4.85
CA GLY A 281 14.86 -29.44 -5.67
CA VAL A 282 11.76 -31.43 -6.12
CA SER A 283 9.48 -31.64 -3.27
CA SER A 284 7.40 -34.54 -4.10
CA VAL A 285 6.77 -36.99 -6.64
CA LEU A 286 3.38 -38.05 -7.00
CA LEU A 287 3.13 -41.63 -7.01
CA GLY A 288 1.07 -44.50 -7.89
CA ALA A 289 1.17 -48.23 -8.42
CA SER A 290 -1.59 -50.39 -9.64
CA ASN A 291 -0.38 -53.28 -8.06
CA ALA A 292 0.62 -53.67 -4.69
CA GLU A 293 3.45 -55.08 -6.51
CA GLN A 294 3.95 -51.81 -8.29
CA LEU A 295 3.64 -50.14 -5.02
CA MET A 296 5.98 -52.34 -3.54
CA GLU A 297 8.33 -51.60 -6.16
CA ASN A 298 7.56 -48.05 -5.68
CA ILE A 299 8.27 -47.78 -2.13
CA GLY A 300 11.62 -49.37 -2.40
CA ALA A 301 12.93 -46.50 -4.43
CA ILE A 302 13.56 -44.52 -1.45
CA GLN A 303 16.49 -46.71 -0.60
CA VAL A 304 17.83 -46.09 -3.89
CA LEU A 305 18.54 -42.61 -3.13
CA PRO A 306 21.20 -43.75 -0.80
CA LYS A 307 22.29 -46.17 -3.28
CA LEU A 308 22.73 -43.43 -5.68
CA SER A 309 25.94 -42.10 -6.59
CA SER A 310 26.14 -39.03 -8.57
CA SER A 311 28.22 -40.73 -11.09
CA ILE A 312 25.52 -43.10 -11.71
CA VAL A 313 23.44 -40.34 -12.55
CA HIS A 314 25.83 -38.80 -14.81
CA GLU A 315 26.49 -41.73 -16.87
CA ILE A 316 22.98 -42.31 -16.99
CA ASP A 317 21.91 -38.99 -18.12
CA SER A 318 24.44 -38.91 -20.67
CA ILE A 319 23.84 -42.37 -21.60
CA LEU A 320 20.40 -41.46 -22.20
CA GLY A 321 21.86 -38.40 -23.66
CA ASN A 322 19.81 -35.93 -21.87
CA LYS A 323 20.56 -32.73 -20.44
CA PRO A 324 19.29 -29.41 -21.17
CA TYR A 325 22.19 -27.05 -20.63
CA SER A 326 22.05 -23.44 -19.49
CA LEU B 1 -16.74 -14.90 -34.08
CA GLN B 2 -17.88 -17.27 -31.49
CA PHE B 3 -21.06 -16.98 -29.90
CA TYR B 4 -19.52 -17.38 -26.65
CA ARG B 5 -17.80 -14.32 -25.79
CA ASN B 6 -16.47 -13.14 -22.56
CA LEU B 7 -18.32 -10.53 -20.76
CA GLY B 8 -15.49 -8.11 -21.14
CA LYS B 9 -12.58 -9.04 -19.05
CA SER B 10 -14.04 -11.57 -16.95
CA GLY B 11 -13.12 -15.02 -17.87
CA LEU B 12 -16.79 -15.29 -17.99
CA ARG B 13 -17.78 -16.58 -21.29
CA VAL B 14 -21.23 -15.96 -22.03
CA SER B 15 -23.64 -16.50 -24.67
CA CYS B 16 -23.71 -13.07 -25.96
CA LEU B 17 -27.38 -13.32 -25.36
CA GLY B 18 -29.31 -13.19 -22.10
CA LEU B 19 -32.98 -13.44 -21.28
CA GLY B 20 -34.31 -10.53 -19.53
CA THR B 21 -37.28 -9.64 -17.46
CA TRP B 22 -40.12 -7.75 -18.69
CA VAL B 23 -42.74 -9.18 -16.48
CA THR B 24 -43.52 -11.14 -19.35
CA PHE B 25 -43.89 -13.64 -16.68
CA GLY B 26 -46.34 -12.29 -14.33
CA GLY B 27 -47.77 -9.82 -16.61
CA GLN B 28 -47.67 -10.55 -20.20
CA ILE B 29 -48.04 -14.17 -19.64
CA THR B 30 -47.65 -17.01 -17.43
CA ASP B 31 -44.33 -18.57 -17.54
CA GLU B 32 -45.36 -21.15 -19.87
CA MET B 33 -44.12 -20.09 -23.17
CA ALA B 34 -41.19 -18.82 -21.40
CA GLU B 35 -40.10 -21.88 -19.70
CA HIS B 36 -40.07 -23.49 -22.92
CA LEU B 37 -38.21 -20.67 -24.26
CA MET B 38 -35.94 -20.50 -21.48
CA THR B 39 -35.41 -24.06 -21.50
CA LEU B 40 -34.67 -23.86 -25.02
CA ALA B 41 -32.45 -21.02 -24.44
CA TYR B 42 -30.79 -23.05 -21.95
CA ASP B 43 -30.56 -25.71 -24.59
CA ASN B 44 -29.28 -23.10 -26.87
CA GLY B 45 -26.60 -22.50 -24.44
CA ILE B 46 -28.03 -19.24 -23.48
CA ASN B 47 -26.97 -18.68 -20.08
CA LEU B 48 -27.68 -15.44 -18.66
CA PHE B 49 -30.87 -14.45 -16.99
CA ASP B 50 -31.56 -11.24 -15.18
CA THR B 51 -34.10 -9.45 -13.17
CA ALA B 52 -34.34 -6.87 -10.43
CA GLU B 53 -36.53 -6.26 -7.54
CA VAL B 54 -38.82 -4.08 -9.28
CA TYR B 55 -40.16 -6.38 -11.74
CA ALA B 56 -43.57 -7.59 -10.77
CA ALA B 57 -42.63 -6.39 -7.36
CA GLY B 58 -40.01 -9.01 -7.35
CA LYS B 59 -42.39 -11.61 -8.29
CA ALA B 60 -41.21 -12.64 -11.60
CA GLU B 61 -37.99 -13.22 -10.12
CA VAL B 62 -39.51 -15.53 -7.65
CA VAL B 63 -41.29 -17.26 -10.27
CA LEU B 64 -38.30 -17.76 -12.14
CA GLY B 65 -36.64 -19.05 -9.14
CA ASN B 66 -39.23 -21.66 -8.76
CA ILE B 67 -39.05 -22.66 -12.19
CA ILE B 68 -35.46 -23.06 -12.26
CA LYS B 69 -35.76 -25.20 -9.29
CA LYS B 70 -37.90 -27.36 -11.41
CA LYS B 71 -35.53 -26.95 -14.15
CA GLY B 72 -33.06 -28.23 -11.79
CA TRP B 73 -29.96 -27.73 -13.59
CA ARG B 74 -26.45 -27.84 -12.73
CA ARG B 75 -25.99 -24.58 -11.19
CA SER B 76 -23.12 -24.00 -13.22
CA SER B 77 -24.98 -23.71 -16.34
CA LEU B 78 -27.00 -21.09 -14.89
CA VAL B 79 -25.89 -17.62 -15.29
CA ILE B 80 -28.03 -15.52 -13.23
CA THR B 81 -28.28 -11.96 -12.79
CA THR B 82 -29.86 -9.22 -10.96
CA LYS B 83 -29.75 -5.65 -10.92
CA ILE B 84 -30.87 -4.10 -7.63
CA PHE B 85 -31.80 -0.60 -6.67
CA TRP B 86 -35.34 0.40 -5.99
CA GLY B 87 -36.98 -1.47 -3.29
CA GLY B 88 -40.36 -0.57 -1.95
CA LYS B 89 -41.67 2.41 -0.16
CA ALA B 90 -39.11 3.92 1.98
CA GLU B 91 -35.87 5.26 0.86
CA THR B 92 -34.51 2.40 2.85
CA GLU B 93 -36.51 0.40 0.46
CA ARG B 94 -34.47 1.21 -2.54
CA GLY B 95 -31.33 2.98 -2.45
CA LEU B 96 -28.15 1.19 -2.30
CA SER B 97 -27.35 1.33 1.27
CA ARG B 98 -25.08 -1.36 2.19
CA LYS B 99 -28.04 -2.76 3.95
CA HIS B 100 -30.43 -2.30 1.13
CA ILE B 101 -28.06 -4.00 -0.98
CA ILE B 102 -27.52 -6.75 1.24
CA GLU B 103 -30.86 -7.37 2.36
CA GLY B 104 -32.30 -6.97 -0.96
CA LEU B 105 -30.09 -9.39 -2.33
CA LYS B 106 -30.85 -11.89 0.11
CA ALA B 107 -34.42 -11.43 0.00
CA SER B 108 -34.51 -11.56 -3.58
CA LEU B 109 -32.23 -14.39 -3.70
CA GLU B 110 -34.62 -15.98 -1.57
CA ARG B 111 -37.32 -15.07 -3.80
CA LEU B 112 -35.29 -17.21 -5.95
CA GLN B 113 -34.34 -19.34 -3.07
CA LEU B 114 -30.78 -18.94 -4.04
CA GLU B 115 -27.16 -18.83 -3.35
CA TYR B 116 -25.93 -16.02 -5.50
CA VAL B 117 -26.09 -14.22 -8.65
CA ASP B 118 -23.50 -14.35 -10.83
CA VAL B 119 -23.88 -10.67 -11.47
CA VAL B 120 -25.34 -7.93 -9.63
CA PHE B 121 -26.21 -4.75 -11.27
CA ALA B 122 -26.70 -1.20 -10.36
CA ASN B 123 -29.94 0.14 -11.77
CA ARG B 124 -28.80 3.56 -11.92
CA PRO B 125 -26.22 5.26 -10.01
CA ASP B 126 -26.86 7.87 -7.36
CA PRO B 127 -24.40 10.19 -5.83
CA ASN B 128 -26.50 11.02 -2.90
CA THR B 129 -24.80 8.06 -1.74
CA PRO B 130 -21.15 7.54 -2.16
CA MET B 131 -19.78 4.81 -4.26
CA GLU B 132 -17.39 3.02 -2.12
CA GLU B 133 -19.94 1.84 0.01
CA THR B 134 -21.39 0.23 -2.77
CA VAL B 135 -18.30 -1.30 -3.62
CA ARG B 136 -17.54 -2.53 -0.24
CA ALA B 137 -20.79 -4.09 -0.06
CA MET B 138 -20.25 -5.50 -3.36
CA THR B 139 -17.14 -6.97 -2.44
CA HIS B 140 -18.28 -8.13 0.71
CA VAL B 141 -21.03 -9.84 -0.73
CA ILE B 142 -19.40 -11.33 -3.59
CA ASN B 143 -16.94 -12.86 -1.39
CA GLN B 144 -19.82 -13.73 0.79
CA GLY B 145 -21.01 -15.54 -2.10
CA MET B 146 -24.18 -13.88 -2.60
CA ALA B 147 -22.38 -13.05 -5.80
CA MET B 148 -19.69 -13.72 -8.10
CA TYR B 149 -19.64 -10.46 -9.77
CA TRP B 150 -21.18 -7.13 -10.35
CA GLY B 151 -21.79 -4.45 -13.01
CA THR B 152 -23.56 -1.10 -13.22
CA SER B 153 -26.39 0.16 -15.18
CA ARG B 154 -27.23 3.43 -16.44
CA TRP B 155 -23.98 4.71 -15.48
CA SER B 156 -21.39 6.83 -17.01
CA SER B 157 -17.99 6.56 -17.48
CA MET B 158 -16.70 8.65 -14.88
CA GLU B 159 -19.06 7.19 -12.58
CA ILE B 160 -17.98 4.00 -13.50
CA MET B 161 -14.66 4.94 -13.14
CA GLU B 162 -15.22 6.53 -9.99
CA ALA B 163 -15.94 3.39 -8.44
CA TYR B 164 -13.25 1.72 -10.21
CA SER B 165 -10.72 3.93 -9.11
CA VAL B 166 -11.81 3.97 -5.65
CA ALA B 167 -11.82 0.45 -5.63
CA ARG B 168 -8.55 0.11 -7.19
CA GLN B 169 -6.82 1.60 -4.42
CA PHE B 170 -9.18 -0.04 -2.25
CA ASN B 171 -8.53 -3.41 -3.38
CA LEU B 172 -11.99 -4.05 -4.00
CA ILE B 173 -13.10 -5.54 -7.11
CA PRO B 174 -14.36 -3.51 -9.90
CA PRO B 175 -17.50 -4.33 -11.61
CA ILE B 176 -17.22 -5.99 -14.82
CA CYS B 177 -19.92 -4.55 -16.97
CA GLU B 178 -22.14 -1.76 -17.73
CA GLN B 179 -25.65 -2.22 -18.88
CA ALA B 180 -27.47 -0.21 -21.36
CA GLU B 181 -30.75 -0.57 -22.83
CA TYR B 182 -30.03 -0.51 -26.50
CA HIS B 183 -30.63 -0.16 -30.21
CA MET B 184 -30.07 2.46 -32.75
CA PHE B 185 -31.71 5.23 -31.20
CA GLN B 186 -30.09 3.73 -28.37
CA ARG B 187 -26.83 3.41 -29.99
CA GLU B 188 -25.11 6.18 -28.55
CA LYS B 189 -23.19 5.45 -25.50
CA VAL B 190 -22.02 2.31 -26.82
CA GLU B 191 -20.55 3.67 -29.74
CA VAL B 192 -18.60 6.22 -28.42
CA GLN B 193 -17.75 5.87 -24.98
CA LEU B 194 -17.70 2.41 -24.18
CA PRO B 195 -14.76 0.87 -25.88
CA GLU B 196 -12.30 3.20 -24.30
CA LEU B 197 -13.41 2.13 -21.06
CA PHE B 198 -12.85 -1.24 -22.35
CA HIS B 199 -9.21 -0.47 -22.96
CA LYS B 200 -8.70 0.92 -19.60
CA ILE B 201 -11.08 -0.97 -17.55
CA GLY B 202 -11.88 -3.87 -19.84
CA VAL B 203 -15.41 -4.05 -18.70
CA GLY B 204 -18.06 -5.73 -20.74
CA ALA B 205 -20.76 -4.40 -22.93
CA MET B 206 -24.24 -5.11 -22.22
CA THR B 207 -27.31 -4.29 -23.97
CA TRP B 208 -30.53 -4.74 -22.52
CA SER B 209 -33.58 -4.70 -24.53
CA PRO B 210 -31.66 -3.84 -27.54
CA LEU B 211 -34.62 -3.67 -29.62
CA ALA B 212 -35.42 -1.15 -27.11
CA CYS B 213 -37.11 -4.19 -25.82
CA GLY B 214 -38.95 -4.94 -28.96
CA ILE B 215 -39.47 -1.39 -30.04
CA VAL B 216 -37.33 -2.45 -32.81
CA SER B 217 -39.86 -5.24 -33.42
CA GLY B 218 -41.88 -2.75 -35.34
CA LYS B 219 -45.10 -3.42 -33.42
CA TYR B 220 -45.16 0.30 -33.51
CA ASP B 221 -45.90 -0.11 -37.12
CA SER B 222 -49.49 0.75 -37.38
CA GLY B 223 -49.23 2.19 -33.96
CA ILE B 224 -49.78 -0.31 -31.29
CA PRO B 225 -51.50 -3.45 -32.16
CA PRO B 226 -52.80 -4.85 -28.91
CA TYR B 227 -50.23 -7.11 -27.39
CA SER B 228 -47.47 -5.03 -28.07
CA ARG B 229 -45.66 -4.86 -24.89
CA ALA B 230 -46.69 -1.27 -25.14
CA SER B 231 -50.33 -2.16 -25.25
CA LEU B 232 -49.97 -2.98 -21.71
CA LYS B 233 -49.90 -0.20 -19.17
CA GLY B 234 -46.89 1.22 -17.51
CA TYR B 235 -44.77 1.65 -20.57
CA GLN B 236 -46.99 4.36 -21.28
CA TRP B 237 -44.57 7.12 -21.17
CA LEU B 238 -42.59 5.18 -23.64
CA LYS B 239 -45.77 4.45 -25.34
CA ASP B 240 -46.37 8.09 -25.57
CA LYS B 241 -42.99 8.28 -27.05
CA ILE B 242 -44.07 5.66 -29.37
CA LEU B 243 -47.03 7.77 -30.10
CA SER B 244 -44.64 10.60 -30.70
CA GLU B 245 -43.92 12.42 -33.74
CA GLU B 246 -40.59 11.31 -33.09
CA GLY B 247 -42.00 7.94 -33.24
CA ARG B 248 -43.20 8.97 -36.67
CA ARG B 249 -39.75 9.89 -37.42
CA GLN B 250 -38.92 6.49 -36.34
CA GLN B 251 -41.52 5.20 -38.57
CA ALA B 252 -39.72 6.98 -41.16
CA LYS B 253 -36.86 4.98 -40.19
CA LEU B 254 -38.86 1.97 -40.05
CA LYS B 255 -39.96 1.78 -43.56
CA GLU B 256 -36.55 2.12 -44.71
CA LEU B 257 -35.35 -0.03 -42.14
CA GLN B 258 -37.60 -2.49 -43.49
CA ALA B 259 -36.28 -1.73 -46.83
CA ILE B 260 -33.03 -2.90 -45.76
CA ALA B 261 -34.41 -5.96 -44.25
CA GLU B 262 -36.37 -7.39 -47.12
CA ARG B 263 -33.47 -6.91 -49.33
CA LEU B 264 -31.51 -8.99 -47.11
CA GLY B 265 -34.62 -11.06 -46.76
CA CYS B 266 -34.70 -11.59 -43.08
CA THR B 267 -36.57 -9.92 -40.28
CA LEU B 268 -35.65 -6.62 -39.57
CA PRO B 269 -35.98 -6.83 -35.93
CA GLN B 270 -33.69 -9.71 -36.02
CA LEU B 271 -31.62 -7.75 -38.25
CA ALA B 272 -31.57 -5.17 -35.64
CA ILE B 273 -30.22 -7.70 -33.37
CA ALA B 274 -27.81 -8.58 -35.91
CA TRP B 275 -26.83 -5.03 -36.11
CA CYS B 276 -25.96 -5.22 -32.58
CA LEU B 277 -23.73 -8.02 -33.35
CA ARG B 278 -21.98 -6.00 -35.85
CA ASN B 279 -19.86 -4.64 -33.10
CA GLU B 280 -17.94 -6.77 -30.91
CA GLY B 281 -16.96 -4.43 -28.14
CA VAL B 282 -20.37 -5.71 -27.52
CA SER B 283 -20.21 -8.65 -25.36
CA SER B 284 -23.65 -9.35 -24.54
CA VAL B 285 -26.96 -8.63 -25.52
CA LEU B 286 -29.55 -9.13 -23.05
CA LEU B 287 -32.21 -10.70 -24.98
CA GLY B 288 -35.81 -11.22 -24.55
CA ALA B 289 -38.52 -12.76 -26.80
CA SER B 290 -42.13 -13.40 -25.95
CA ASN B 291 -42.65 -15.31 -28.85
CA ALA B 292 -40.79 -18.32 -29.39
CA GLU B 293 -41.31 -16.84 -32.69
CA GLN B 294 -39.38 -13.85 -31.44
CA LEU B 295 -36.89 -16.32 -30.33
CA MET B 296 -36.67 -17.84 -33.70
CA GLU B 297 -36.21 -14.54 -34.97
CA ASN B 298 -33.69 -13.96 -32.31
CA ILE B 299 -31.59 -16.92 -32.93
CA GLY B 300 -31.45 -16.26 -36.55
CA ALA B 301 -29.41 -13.11 -36.02
CA ILE B 302 -26.45 -15.07 -35.21
CA GLN B 303 -26.29 -16.18 -38.80
CA VAL B 304 -26.74 -12.75 -39.79
CA LEU B 305 -23.45 -11.86 -38.49
CA PRO B 306 -21.95 -13.87 -41.23
CA LYS B 307 -24.34 -12.40 -43.56
CA LEU B 308 -23.13 -9.05 -42.64
CA SER B 309 -20.99 -6.95 -44.58
CA SER B 310 -19.75 -3.81 -43.27
CA SER B 311 -21.12 -2.04 -46.15
CA ILE B 312 -24.53 -2.91 -45.16
CA VAL B 313 -23.89 -1.39 -41.97
CA HIS B 314 -22.73 1.66 -43.63
CA GLU B 315 -25.81 1.76 -45.56
CA ILE B 316 -27.67 1.51 -42.53
CA ASP B 317 -25.79 3.94 -40.60
CA SER B 318 -26.10 6.41 -43.18
CA ILE B 319 -29.59 5.68 -43.73
CA LEU B 320 -30.37 6.39 -40.27
CA GLY B 321 -27.71 8.88 -40.40
CA ASN B 322 -26.89 7.57 -36.97
CA LYS B 323 -23.40 7.87 -36.15
CA PRO B 324 -21.86 9.77 -33.47
CA TYR B 325 -18.58 11.02 -34.86
CA SER B 326 -15.45 10.96 -32.72
CA LEU C 1 -34.78 20.39 4.04
CA GLN C 2 -36.31 17.04 3.83
CA PHE C 3 -37.09 14.93 6.66
CA TYR C 4 -34.91 12.43 5.25
CA ARG C 5 -31.51 13.50 5.52
CA ASN C 6 -28.53 11.40 5.19
CA LEU C 7 -26.72 10.31 8.08
CA GLY C 8 -23.10 11.35 7.59
CA LYS C 9 -21.52 10.86 4.25
CA SER C 10 -23.10 7.57 4.99
CA GLY C 11 -25.35 7.04 2.06
CA LEU C 12 -27.81 6.34 4.72
CA ARG C 13 -30.88 8.34 4.72
CA VAL C 14 -32.38 8.69 7.94
CA SER C 15 -35.40 10.18 9.26
CA CYS C 16 -33.70 12.98 11.00
CA LEU C 17 -35.07 11.52 14.18
CA GLY C 18 -34.39 8.39 16.22
CA LEU C 19 -35.77 6.93 19.43
CA GLY C 20 -33.38 5.97 22.18
CA THR C 21 -33.34 3.98 25.33
CA TRP C 22 -33.92 6.11 28.31
CA VAL C 23 -35.43 3.24 30.18
CA THR C 24 -38.85 4.20 29.66
CA PHE C 25 -39.13 0.73 28.56
CA GLY C 26 -38.01 -1.34 31.36
CA GLY C 27 -38.52 1.20 33.93
CA GLN C 28 -41.11 3.66 33.31
CA ILE C 29 -43.38 1.69 31.17
CA THR C 30 -44.88 -1.10 29.48
CA ASP C 31 -43.89 -1.89 26.13
CA GLU C 32 -47.08 -1.61 24.38
CA MET C 33 -47.21 1.87 25.44
CA ALA C 34 -43.95 2.33 23.88
CA GLU C 35 -45.08 0.47 20.97
CA HIS C 36 -47.74 2.85 20.05
CA LEU C 37 -45.22 5.34 20.07
CA MET C 38 -42.97 3.39 17.99
CA THR C 39 -45.46 2.24 15.75
CA LEU C 40 -46.43 5.61 15.08
CA ALA C 41 -42.92 6.58 14.68
CA TYR C 42 -42.51 3.88 12.32
CA ASP C 43 -45.55 5.10 10.56
CA ASN C 44 -44.02 8.44 10.64
CA GLY C 45 -41.09 7.05 8.90
CA ILE C 46 -39.07 7.54 11.96
CA ASN C 47 -36.84 4.69 11.99
CA LEU C 48 -33.84 4.75 14.13
CA PHE C 49 -33.65 3.06 17.56
CA ASP C 50 -30.78 2.84 20.07
CA THR C 51 -29.76 1.23 23.33
CA ALA C 52 -26.85 -0.29 25.05
CA GLU C 53 -26.86 -3.55 26.77
CA VAL C 54 -25.80 -1.72 29.78
CA TYR C 55 -28.64 0.54 29.02
CA ALA C 56 -31.64 -0.87 30.86
CA ALA C 57 -29.63 -3.92 31.44
CA GLY C 58 -30.20 -4.93 27.85
CA LYS C 59 -33.77 -5.09 28.50
CA ALA C 60 -34.54 -2.81 25.82
CA GLU C 61 -33.22 -5.30 23.36
CA VAL C 62 -35.50 -7.80 24.65
CA VAL C 63 -38.26 -5.49 24.58
CA LEU C 64 -37.33 -4.60 21.24
CA GLY C 65 -37.10 -8.13 20.22
CA ASN C 66 -40.64 -8.63 21.12
CA ILE C 67 -41.47 -5.53 19.50
CA ILE C 68 -39.98 -6.45 16.33
CA LYS C 69 -41.89 -9.56 16.36
CA LYS C 70 -44.91 -7.70 17.03
CA LYS C 71 -44.09 -5.25 14.53
CA GLY C 72 -43.22 -7.88 12.15
CA TRP C 73 -41.52 -5.45 9.90
CA ARG C 74 -39.37 -5.69 6.99
CA ARG C 75 -35.99 -5.38 8.35
CA SER C 76 -35.18 -2.99 5.84
CA SER C 77 -37.34 -0.45 7.29
CA LEU C 78 -35.80 -0.75 10.53
CA VAL C 79 -33.00 1.32 11.64
CA ILE C 80 -31.56 -0.09 14.67
CA THR C 81 -28.80 0.97 16.72
CA THR C 82 -26.86 0.21 19.83
CA LYS C 83 -24.00 1.69 21.52
CA ILE C 84 -22.02 -0.85 23.45
CA PHE C 85 -19.38 -0.60 26.04
CA TRP C 86 -20.34 -1.34 29.49
CA GLY C 87 -20.76 -4.99 29.57
CA GLY C 88 -20.81 -4.34 33.25
CA LYS C 89 -19.18 -5.79 36.24
CA ALA C 90 -16.59 -8.30 35.61
CA GLU C 91 -13.29 -7.07 34.37
CA THR C 92 -14.09 -8.50 31.11
CA GLU C 93 -17.48 -6.96 31.22
CA ARG C 94 -17.25 -3.34 30.33
CA GLY C 95 -14.71 -2.50 27.92
CA LEU C 96 -14.41 -2.74 24.31
CA SER C 97 -11.87 -5.41 23.83
CA ARG C 98 -12.12 -7.38 20.77
CA LYS C 99 -13.98 -9.80 22.92
CA HIS C 100 -16.05 -7.22 24.55
CA ILE C 101 -17.07 -6.06 21.29
CA ILE C 102 -17.73 -9.30 19.98
CA GLU C 103 -19.43 -10.76 22.78
CA GLY C 104 -21.29 -7.62 23.23
CA LEU C 105 -22.45 -7.85 19.81
CA LYS C 106 -23.38 -11.33 20.15
CA ALA C 107 -25.21 -10.59 23.20
CA SER C 108 -26.97 -8.10 21.38
CA LEU C 109 -27.99 -10.19 18.68
CA GLU C 110 -29.81 -12.71 20.43
CA ARG C 111 -31.25 -10.40 22.86
CA LEU C 112 -32.50 -8.28 20.24
CA GLN C 113 -33.12 -11.17 18.12
CA LEU C 114 -31.30 -9.03 15.65
CA GLU C 115 -28.67 -9.90 13.35
CA TYR C 116 -27.23 -6.61 12.44
CA VAL C 117 -27.76 -3.27 13.78
CA ASP C 118 -27.44 -0.82 11.46
CA VAL C 119 -25.12 1.08 13.68
CA VAL C 120 -23.04 0.29 16.52
CA PHE C 121 -21.79 2.85 18.87
CA ALA C 122 -18.95 3.58 21.13
CA ASN C 123 -19.96 4.71 24.53
CA ARG C 124 -16.99 6.73 25.20
CA PRO C 125 -13.59 5.96 24.21
CA ASP C 126 -10.97 4.59 26.46
CA PRO C 127 -7.36 4.84 25.68
CA ASN C 128 -6.40 2.21 28.11
CA THR C 129 -7.12 0.28 25.19
CA PRO C 130 -5.98 1.03 21.77
CA MET C 131 -8.48 1.66 19.13
CA GLU C 132 -7.16 -0.11 16.31
CA GLU C 133 -8.21 -3.36 17.13
CA THR C 134 -11.42 -1.94 18.02
CA VAL C 135 -11.77 -0.77 14.66
CA ARG C 136 -10.59 -3.96 13.20
CA ALA C 137 -13.18 -5.71 15.11
CA MET C 138 -15.60 -3.16 14.13
CA THR C 139 -14.98 -3.87 10.69
CA HIS C 140 -14.93 -7.41 11.33
CA VAL C 141 -18.27 -7.45 12.66
CA ILE C 142 -19.73 -5.58 9.90
CA ASN C 143 -17.98 -7.91 7.63
CA GLN C 144 -19.55 -10.48 9.57
CA GLY C 145 -22.72 -8.77 8.87
CA MET C 146 -23.90 -7.34 12.04
CA ALA C 147 -23.64 -3.87 11.23
CA MET C 148 -23.64 -1.84 8.39
CA TYR C 149 -21.82 0.82 10.09
CA TRP C 150 -20.59 2.11 13.35
CA GLY C 151 -20.14 5.45 15.17
CA THR C 152 -18.74 6.78 18.43
CA SER C 153 -20.10 8.57 21.33
CA ARG C 154 -18.61 10.93 23.63
CA TRP C 155 -15.42 11.20 21.81
CA SER C 156 -13.38 13.95 20.44
CA SER C 157 -12.41 14.75 17.29
CA MET C 158 -8.94 13.95 17.16
CA GLU C 159 -9.65 10.81 18.78
CA ILE C 160 -12.19 10.12 16.49
CA MET C 161 -10.07 10.92 13.85
CA GLU C 162 -7.34 9.05 15.13
CA ALA C 163 -9.07 5.93 14.59
CA TYR C 164 -10.05 7.17 11.30
CA SER C 165 -6.59 7.64 10.48
CA VAL C 166 -5.65 4.31 11.48
CA ALA C 167 -8.28 2.91 9.53
CA ARG C 168 -7.45 4.82 6.58
CA GLN C 169 -4.25 3.26 6.21
CA PHE C 170 -5.76 0.21 7.42
CA ASN C 171 -8.46 -0.30 5.04
CA LEU C 172 -11.02 -0.46 7.61
CA ILE C 173 -13.94 1.70 7.64
CA PRO C 174 -14.33 4.64 9.77
CA PRO C 175 -17.39 5.12 11.70
CA ILE C 176 -19.80 7.58 10.44
CA CYS C 177 -21.24 9.34 13.36
CA GLU C 178 -20.81 10.90 16.64
CA GLN C 179 -23.32 10.73 19.34
CA ALA C 180 -23.49 13.71 21.51
CA GLU C 181 -25.10 15.17 24.37
CA TYR C 182 -26.19 18.54 23.13
CA HIS C 183 -28.66 21.27 23.31
CA MET C 184 -28.26 24.70 24.41
CA PHE C 185 -26.19 23.94 27.24
CA GLN C 186 -24.06 22.44 24.73
CA ARG C 187 -24.57 23.82 21.43
CA GLU C 188 -20.86 24.48 21.21
CA LYS C 189 -18.94 21.22 20.64
CA VAL C 190 -21.54 20.49 18.32
CA GLU C 191 -21.40 23.76 16.83
CA VAL C 192 -17.96 23.97 15.95
CA GLN C 193 -16.10 21.00 16.03
CA LEU C 194 -18.22 18.74 14.35
CA PRO C 195 -18.50 20.52 11.11
CA GLU C 196 -14.78 20.47 10.39
CA LEU C 197 -14.86 16.96 10.91
CA PHE C 198 -17.65 17.02 8.52
CA HIS C 199 -15.40 18.50 5.91
CA LYS C 200 -12.73 16.03 6.39
CA ILE C 201 -14.58 13.07 7.48
CA GLY C 202 -18.12 14.12 6.73
CA VAL C 203 -19.36 11.97 9.44
CA GLY C 204 -22.77 12.73 10.64
CA ALA C 205 -23.98 14.42 13.68
CA MET C 206 -26.41 12.83 15.90
CA THR C 207 -26.99 14.30 19.23
CA TRP C 208 -28.87 12.32 21.72
CA SER C 209 -30.77 13.28 24.66
CA PRO C 210 -30.28 16.43 23.03
CA LEU C 211 -32.71 18.40 24.95
CA ALA C 212 -30.80 17.31 27.75
CA CYS C 213 -33.06 14.50 26.99
CA GLY C 214 -36.34 16.03 27.80
CA ILE C 215 -34.84 18.70 29.97
CA VAL C 216 -36.36 20.78 27.32
CA SER C 217 -39.74 19.60 28.51
CA GLY C 218 -39.40 22.12 31.25
CA LYS C 219 -40.46 19.72 33.99
CA TYR C 220 -37.63 21.29 35.72
CA ASP C 221 -40.01 24.17 36.03
CA SER C 222 -41.28 24.03 39.53
CA GLY C 223 -38.45 21.72 40.16
CA ILE C 224 -39.44 18.21 39.61
CA PRO C 225 -42.98 17.24 39.62
CA PRO C 226 -42.67 13.51 39.96
CA TYR C 227 -42.70 11.85 36.59
CA SER C 228 -40.18 14.10 35.43
CA ARG C 229 -37.94 11.60 33.89
CA ALA C 230 -35.51 12.54 36.64
CA SER C 231 -37.73 11.97 39.62
CA LEU C 232 -37.33 8.44 38.84
CA LYS C 233 -34.03 6.94 39.99
CA GLY C 234 -30.78 6.64 38.18
CA TYR C 235 -30.74 10.13 36.86
CA GLN C 236 -30.33 11.19 40.31
CA TRP C 237 -26.87 12.59 40.01
CA LEU C 238 -28.12 14.57 37.17
CA LYS C 239 -31.22 15.14 39.00
CA ASP C 240 -29.20 16.69 41.68
CA LYS C 241 -27.79 18.70 38.97
CA ILE C 242 -31.23 19.52 38.02
CA LEU C 243 -31.74 20.71 41.47
CA SER C 244 -28.66 22.83 41.00
CA GLU C 245 -28.18 26.37 41.27
CA GLU C 246 -27.13 26.25 37.85
CA GLY C 247 -30.39 24.71 37.22
CA ARG C 248 -31.81 27.78 38.86
CA ARG C 249 -29.76 29.82 36.60
CA GLN C 250 -31.24 27.81 33.95
CA GLN C 251 -34.60 28.55 35.25
CA ALA C 252 -33.65 31.98 34.40
CA LYS C 253 -32.86 30.74 31.07
CA LEU C 254 -36.04 28.94 31.12
CA LYS C 255 -37.81 32.14 31.47
CA GLU C 256 -36.20 33.26 28.38
CA LEU C 257 -37.11 30.12 26.92
CA GLN C 258 -40.49 30.74 27.96
CA ALA C 259 -40.32 33.93 26.12
CA ILE C 260 -39.66 32.16 23.00
CA ALA C 261 -42.42 29.74 23.45
CA GLU C 262 -45.20 32.15 23.50
CA ARG C 263 -43.60 34.17 20.93
CA LEU C 264 -44.02 32.02 18.03
CA GLY C 265 -46.77 30.41 19.99
CA CYS C 266 -45.11 27.16 19.95
CA THR C 267 -44.24 24.69 22.63
CA LEU C 268 -41.12 25.14 24.27
CA PRO C 269 -40.36 21.56 24.09
CA GLN C 270 -40.95 21.60 20.41
CA LEU C 271 -39.04 24.64 20.40
CA ALA C 272 -36.13 22.88 21.64
CA ILE C 273 -36.50 20.48 18.92
CA ALA C 274 -36.86 23.22 16.65
CA TRP C 275 -33.72 24.63 17.89
CA CYS C 276 -32.15 21.54 16.85
CA LEU C 277 -33.55 21.81 13.48
CA ARG C 278 -31.67 24.81 12.52
CA ASN C 279 -28.77 22.57 12.52
CA GLU C 280 -28.18 20.89 9.32
CA GLY C 281 -24.78 19.45 9.95
CA VAL C 282 -27.01 17.44 12.11
CA SER C 283 -28.24 14.38 10.65
CA SER C 284 -30.34 13.25 13.42
CA VAL C 285 -31.66 14.07 16.60
CA LEU C 286 -31.99 11.25 18.72
CA LEU C 287 -35.41 11.38 19.92
CA GLY C 288 -37.62 10.07 22.40
CA ALA C 289 -40.69 11.68 23.91
CA SER C 290 -41.30 11.83 27.63
CA ASN C 291 -44.53 10.48 26.57
CA ALA C 292 -46.63 9.90 23.64
CA GLU C 293 -48.01 13.18 24.40
CA GLN C 294 -44.58 14.44 24.23
CA LEU C 295 -44.15 12.62 21.02
CA MET C 296 -47.03 14.23 19.68
CA GLU C 297 -45.52 17.42 20.56
CA ASN C 298 -42.33 16.20 19.19
CA ILE C 299 -43.46 15.29 15.86
CA GLY C 300 -44.79 18.76 15.31
CA ALA C 301 -41.24 20.03 15.28
CA ILE C 302 -41.05 19.24 11.71
CA GLN C 303 -43.14 22.23 10.95
CA VAL C 304 -41.03 24.21 13.07
CA LEU C 305 -38.27 24.19 10.63
CA PRO C 306 -40.44 26.12 8.28
CA LYS C 307 -41.49 28.21 11.05
CA LEU C 308 -37.97 29.07 11.68
CA SER C 309 -36.90 32.48 11.25
CA SER C 310 -33.30 32.67 11.44
CA SER C 311 -33.33 35.85 13.24
CA ILE C 312 -35.19 34.39 16.01
CA VAL C 313 -32.61 31.90 16.33
CA HIS C 314 -30.25 34.64 16.69
CA GLU C 315 -32.33 36.21 19.30
CA ILE C 316 -32.35 33.09 21.04
CA ASP C 317 -28.77 32.64 20.62
CA SER C 318 -28.34 35.97 22.15
CA ILE C 319 -30.58 35.13 24.77
CA LEU C 320 -28.42 32.38 25.82
CA GLY C 321 -25.70 34.42 24.43
CA ASN C 322 -23.65 31.49 23.22
CA LYS C 323 -21.53 30.45 20.32
CA PRO C 324 -17.77 30.88 20.15
CA TYR C 325 -15.16 32.27 17.75
CA SER C 326 -13.59 30.25 15.05
CA LEU D 1 -1.90 -1.30 41.26
CA GLN D 2 -3.74 -4.48 40.76
CA PHE D 3 -3.23 -7.86 39.43
CA TYR D 4 -5.18 -6.94 36.53
CA ARG D 5 -3.04 -5.61 34.00
CA ASN D 6 -3.70 -5.06 30.43
CA LEU D 7 -1.88 -7.51 28.42
CA GLY D 8 0.61 -6.28 25.75
CA LYS D 9 -1.13 -3.38 24.27
CA SER D 10 -3.95 -5.75 24.43
CA GLY D 11 -5.95 -3.37 26.53
CA LEU D 12 -7.79 -6.29 27.95
CA ARG D 13 -7.21 -6.32 31.52
CA VAL D 14 -6.61 -9.61 32.48
CA SER D 15 -5.53 -10.86 35.69
CA CYS D 16 -1.86 -11.05 35.14
CA LEU D 17 -2.23 -14.24 36.92
CA GLY D 18 -2.89 -17.36 34.89
CA LEU D 19 -3.78 -20.89 35.65
CA GLY D 20 -1.66 -23.68 34.46
CA THR D 21 -1.86 -27.06 33.20
CA TRP D 22 0.76 -29.47 33.86
CA VAL D 23 -1.77 -32.20 33.28
CA THR D 24 -3.18 -31.22 36.41
CA PHE D 25 -6.18 -32.87 35.21
CA GLY D 26 -5.38 -36.39 34.68
CA GLY D 27 -2.07 -36.42 36.15
CA GLN D 28 -1.32 -34.16 38.96
CA ILE D 29 -4.71 -34.72 40.18
CA THR D 30 -8.13 -35.06 38.95
CA ASP D 31 -10.27 -32.08 38.49
CA GLU D 32 -12.92 -31.75 40.95
CA MET D 33 -11.28 -30.05 43.60
CA ALA D 34 -9.40 -28.31 41.05
CA GLU D 35 -12.53 -26.79 39.93
CA HIS D 36 -13.04 -25.49 43.29
CA LEU D 37 -9.80 -23.93 42.88
CA MET D 38 -10.68 -22.62 39.60
CA THR D 39 -13.89 -21.49 40.70
CA LEU D 40 -12.24 -19.72 43.37
CA ALA D 41 -9.91 -18.26 40.94
CA TYR D 42 -12.79 -17.29 38.97
CA ASP D 43 -14.21 -15.75 42.06
CA ASN D 44 -10.99 -14.05 42.56
CA GLY D 45 -11.29 -12.57 39.22
CA ILE D 46 -8.53 -14.79 38.14
CA ASN D 47 -9.59 -15.51 34.75
CA LEU D 48 -6.90 -16.93 32.77
CA PHE D 49 -6.56 -20.58 31.73
CA ASP D 50 -4.21 -22.38 29.32
CA THR D 51 -3.45 -25.79 28.00
CA ALA D 52 -2.33 -27.55 24.86
CA GLU D 53 -3.13 -30.71 23.17
CA VAL D 54 0.04 -32.14 24.29
CA TYR D 55 -1.05 -31.60 27.75
CA ALA D 56 -3.15 -34.58 28.60
CA ALA D 57 -3.85 -35.25 24.98
CA GLY D 58 -6.01 -32.17 25.16
CA LYS D 59 -7.97 -33.78 27.73
CA ALA D 60 -7.56 -31.33 30.34
CA GLU D 61 -9.29 -28.76 28.28
CA VAL D 62 -12.04 -31.03 27.52
CA VAL D 63 -12.55 -31.63 31.04
CA LEU D 64 -12.31 -28.07 31.64
CA GLY D 65 -14.73 -27.49 28.93
CA ASN D 66 -17.16 -29.58 30.70
CA ILE D 67 -16.51 -28.02 33.86
CA ILE D 68 -16.97 -24.62 32.69
CA LYS D 69 -19.92 -25.86 30.96
CA LYS D 70 -21.15 -26.64 34.37
CA LYS D 71 -19.77 -23.48 35.55
CA GLY D 72 -21.83 -21.58 33.12
CA TRP D 73 -19.68 -18.70 33.05
CA ARG D 74 -20.33 -16.06 30.61
CA ARG D 75 -17.94 -16.32 27.92
CA SER D 76 -16.68 -13.06 28.67
CA SER D 77 -15.74 -13.99 32.08
CA LEU D 78 -13.43 -16.46 30.73
CA VAL D 79 -9.95 -15.88 29.65
CA ILE D 80 -9.01 -18.94 27.92
CA THR D 81 -5.98 -19.72 26.33
CA THR D 82 -4.32 -22.51 24.53
CA LYS D 83 -1.05 -22.92 23.13
CA ILE D 84 -0.94 -25.33 20.20
CA PHE D 85 1.86 -26.98 18.32
CA TRP D 86 2.94 -30.49 19.04
CA GLY D 87 -0.03 -32.16 17.55
CA GLY D 88 1.95 -35.37 17.23
CA LYS D 89 2.31 -38.30 14.89
CA ALA D 90 3.49 -37.42 11.50
CA GLU D 91 4.27 -33.96 10.38
CA THR D 92 0.65 -33.55 9.92
CA GLU D 93 0.02 -33.57 13.56
CA ARG D 94 2.06 -30.88 15.10
CA GLY D 95 3.68 -28.48 12.97
CA LEU D 96 2.56 -25.09 12.00
CA SER D 97 0.90 -25.91 8.79
CA ARG D 98 -1.97 -23.71 8.25
CA LYS D 99 -3.72 -26.96 8.20
CA HIS D 100 -2.29 -28.15 11.45
CA ILE D 101 -3.07 -24.92 12.87
CA ILE D 102 -6.46 -24.98 11.70
CA GLU D 103 -7.07 -28.40 12.64
CA GLY D 104 -5.71 -27.83 16.02
CA LEU D 105 -7.95 -25.01 16.39
CA LYS D 106 -10.77 -26.92 15.29
CA ALA D 107 -10.02 -29.74 17.39
CA SER D 108 -9.67 -27.74 20.31
CA LEU D 109 -12.76 -25.98 19.72
CA GLU D 110 -14.63 -29.03 19.67
CA ARG D 111 -12.78 -30.36 22.46
CA LEU D 112 -13.59 -27.69 24.85
CA GLN D 113 -16.55 -27.61 22.72
CA LEU D 114 -16.08 -23.97 22.84
CA GLU D 115 -15.52 -21.56 20.23
CA TYR D 116 -12.72 -19.17 20.71
CA VAL D 117 -9.64 -18.93 22.76
CA ASP D 118 -8.97 -15.76 23.77
CA VAL D 119 -5.39 -16.39 22.96
CA VAL D 120 -3.72 -19.01 21.15
CA PHE D 121 -0.11 -19.59 21.58
CA ALA D 122 2.69 -20.98 19.58
CA ASN D 123 4.71 -23.53 21.48
CA ARG D 124 7.92 -22.88 19.90
CA PRO D 125 8.80 -21.45 16.65
CA ASP D 126 10.29 -23.38 13.79
CA PRO D 127 11.67 -21.95 10.67
CA ASN D 128 11.30 -25.06 8.67
CA THR D 129 8.18 -23.40 8.20
CA PRO D 130 7.95 -19.81 7.34
CA MET D 131 6.16 -17.56 9.67
CA GLU D 132 3.90 -15.71 7.55
CA GLU D 133 1.61 -18.38 6.88
CA THR D 134 1.33 -18.87 10.35
CA VAL D 135 0.43 -15.41 10.68
CA ARG D 136 -2.26 -15.67 8.10
CA ALA D 137 -3.50 -18.53 9.97
CA MET D 138 -3.74 -16.40 12.96
CA THR D 139 -5.71 -14.08 11.08
CA HIS D 140 -7.76 -16.73 9.87
CA VAL D 141 -8.88 -17.80 13.06
CA ILE D 142 -9.51 -14.58 14.56
CA ASN D 143 -11.24 -13.19 11.65
CA GLN D 144 -12.97 -16.45 11.61
CA GLY D 145 -13.79 -15.70 15.13
CA MET D 146 -12.21 -18.13 17.39
CA ALA D 147 -9.63 -16.11 18.84
CA MET D 148 -9.26 -12.76 19.71
CA TYR D 149 -5.62 -12.96 19.58
CA TRP D 150 -2.64 -15.15 19.37
CA GLY D 151 0.84 -15.17 20.88
CA THR D 152 4.07 -17.02 20.50
CA SER D 153 6.09 -19.02 22.83
CA ARG D 154 9.52 -19.92 23.34
CA TRP D 155 11.03 -17.97 20.67
CA SER D 156 13.67 -15.34 20.77
CA SER D 157 12.58 -11.97 20.88
CA MET D 158 14.04 -11.51 17.69
CA GLU D 159 12.17 -14.31 16.29
CA ILE D 160 9.16 -13.09 17.45
CA MET D 161 9.68 -9.89 16.17
CA GLU D 162 10.60 -10.58 12.78
CA ALA D 163 7.62 -12.42 12.24
CA TYR D 164 5.74 -9.46 13.40
CA SER D 165 7.40 -7.46 10.94
CA VAL D 166 6.24 -9.58 8.16
CA ALA D 167 2.95 -9.27 9.41
CA ARG D 168 3.11 -5.63 9.71
CA GLN D 169 3.49 -5.04 6.18
CA PHE D 170 1.09 -7.65 5.66
CA ASN D 171 -1.56 -6.17 7.56
CA LEU D 172 -2.23 -9.05 9.56
CA ILE D 173 -2.28 -8.86 13.16
CA PRO D 174 0.51 -9.05 15.56
CA PRO D 175 0.37 -11.42 18.33
CA ILE D 176 0.25 -9.76 21.54
CA CYS D 177 2.40 -11.89 23.68
CA GLU D 178 5.32 -14.12 24.07
CA GLN D 179 5.46 -16.90 26.55
CA ALA D 180 8.42 -17.79 28.70
CA GLU D 181 9.81 -20.05 31.20
CA TYR D 182 10.64 -18.02 34.31
CA HIS D 183 12.04 -17.44 37.73
CA MET D 184 15.47 -16.27 38.21
CA PHE D 185 16.81 -19.33 36.65
CA GLN D 186 15.99 -17.21 33.83
CA ARG D 187 15.47 -14.00 35.38
CA GLU D 188 17.50 -12.37 32.79
CA LYS D 189 16.18 -12.38 29.28
CA VAL D 190 12.90 -11.63 30.45
CA GLU D 191 14.15 -8.63 31.95
CA VAL D 192 16.39 -7.83 29.33
CA GLN D 193 14.94 -8.26 26.00
CA LEU D 194 11.53 -7.92 26.71
CA PRO D 195 10.86 -4.33 27.44
CA GLU D 196 12.35 -3.16 24.22
CA LEU D 197 10.01 -5.19 22.41
CA PHE D 198 7.55 -3.56 24.56
CA HIS D 199 8.52 -0.16 23.28
CA LYS D 200 8.33 -1.16 19.75
CA ILE D 201 5.71 -3.73 19.77
CA GLY D 202 4.36 -3.38 23.27
CA VAL D 203 3.46 -6.98 23.31
CA GLY D 204 3.03 -8.69 26.58
CA ALA D 205 5.21 -10.82 28.63
CA MET D 206 3.96 -13.96 29.92
CA THR D 207 5.86 -16.35 31.90
CA TRP D 208 4.79 -19.71 32.76
CA SER D 209 6.27 -21.86 35.23
CA PRO D 210 7.63 -18.78 36.93
CA LEU D 211 8.20 -20.79 39.91
CA ALA D 212 9.07 -23.19 37.29
CA CYS D 213 5.71 -24.33 38.20
CA GLY D 214 6.72 -24.71 41.73
CA ILE D 215 10.34 -25.77 41.55
CA VAL D 216 10.96 -22.45 42.87
CA SER D 217 8.61 -23.25 45.63
CA GLY D 218 10.95 -25.86 46.92
CA LYS D 219 10.28 -29.59 47.25
CA TYR D 220 13.47 -31.17 46.14
CA ASP D 221 15.35 -29.36 48.75
CA SER D 222 12.87 -31.45 50.45
CA GLY D 223 14.63 -34.48 48.91
CA ILE D 224 11.70 -35.40 46.75
CA PRO D 225 8.67 -36.06 48.73
CA PRO D 226 6.25 -38.33 47.04
CA TYR D 227 4.05 -35.80 45.46
CA SER D 228 5.52 -32.82 44.12
CA ARG D 229 5.18 -32.37 40.52
CA ALA D 230 8.59 -33.91 40.66
CA SER D 231 7.50 -37.09 42.18
CA LEU D 232 5.66 -38.05 39.11
CA LYS D 233 6.62 -39.06 35.57
CA GLY D 234 7.00 -37.37 32.28
CA TYR D 235 9.19 -34.35 32.96
CA GLN D 236 11.74 -36.53 34.52
CA TRP D 237 14.62 -35.22 32.51
CA LEU D 238 13.92 -31.98 34.12
CA LYS D 239 13.64 -33.80 37.27
CA ASP D 240 16.97 -35.29 36.75
CA LYS D 241 18.00 -31.77 36.26
CA ILE D 242 16.36 -31.04 39.45
CA LEU D 243 18.69 -33.47 40.99
CA SER D 244 21.53 -31.56 39.34
CA GLU D 245 24.38 -30.03 40.94
CA GLU D 246 23.08 -26.80 39.98
CA GLY D 247 20.07 -27.76 41.79
CA ARG D 248 22.26 -28.23 44.80
CA ARG D 249 23.73 -24.89 44.20
CA GLN D 250 20.43 -23.58 43.65
CA GLN D 251 19.54 -24.96 46.93
CA ALA D 252 22.22 -22.93 48.24
CA LYS D 253 20.33 -20.05 47.13
CA LEU D 254 17.27 -21.56 48.35
CA LYS D 255 18.18 -21.89 51.92
CA GLU D 256 18.87 -18.37 52.20
CA LEU D 257 16.12 -17.53 50.06
CA GLN D 258 13.87 -18.87 52.54
CA ALA D 259 15.62 -16.88 55.08
CA ILE D 260 14.88 -13.85 53.21
CA ALA D 261 11.37 -14.68 52.70
CA GLU D 262 10.56 -15.32 56.19
CA ARG D 263 12.22 -12.40 57.49
CA LEU D 264 9.78 -10.66 55.41
CA GLY D 265 7.03 -13.08 56.13
CA CYS D 266 5.14 -14.56 53.16
CA THR D 267 6.04 -17.95 52.00
CA LEU D 268 9.02 -18.19 50.03
CA PRO D 269 7.14 -19.36 47.06
CA GLN D 270 4.80 -16.56 47.71
CA LEU D 271 7.67 -14.45 47.79
CA ALA D 272 8.86 -16.00 44.71
CA ILE D 273 5.80 -15.06 43.00
CA ALA D 274 5.94 -11.83 44.57
CA TRP D 275 9.35 -11.41 43.21
CA CYS D 276 7.93 -11.85 39.89
CA LEU D 277 5.68 -9.11 40.62
CA ARG D 278 8.56 -6.89 41.16
CA ASN D 279 8.10 -5.71 37.67
CA GLU D 280 5.25 -4.62 35.95
CA GLY D 281 6.65 -4.34 32.48
CA VAL D 282 5.87 -7.88 33.20
CA SER D 283 2.51 -8.42 31.87
CA SER D 284 1.40 -11.68 32.99
CA VAL D 285 2.26 -14.33 35.20
CA LEU D 286 0.89 -17.54 34.50
CA LEU D 287 -0.05 -18.96 37.78
CA GLY D 288 -0.77 -22.30 39.17
CA ALA D 289 -1.26 -24.18 42.48
CA SER D 290 -2.03 -27.80 43.10
CA ASN D 291 -3.55 -27.23 46.24
CA ALA D 292 -5.89 -24.84 47.40
CA GLU D 293 -3.21 -24.39 49.82
CA GLN D 294 -0.87 -23.62 47.05
CA LEU D 295 -3.44 -21.39 45.63
CA MET D 296 -3.87 -19.74 48.76
CA GLU D 297 -0.34 -19.13 48.91
CA ASN D 298 -0.46 -17.99 45.41
CA ILE D 299 -3.00 -15.41 45.91
CA GLY D 300 -1.30 -14.02 48.92
CA ALA D 301 1.68 -12.97 46.84
CA ILE D 302 -0.24 -10.13 45.48
CA GLN D 303 -0.18 -8.44 48.76
CA VAL D 304 3.40 -8.83 48.88
CA LEU D 305 3.81 -6.49 46.08
CA PRO D 306 3.05 -3.59 48.26
CA LYS D 307 5.41 -4.87 50.72
CA LEU D 308 8.11 -4.96 48.29
CA SER D 309 11.00 -3.00 49.31
CA SER D 310 12.75 -2.71 46.15
CA SER D 311 15.88 -2.82 47.98
CA ILE D 312 15.21 -6.19 49.16
CA VAL D 313 14.78 -7.21 45.74
CA HIS D 314 18.11 -5.83 45.12
CA GLU D 315 19.48 -7.75 47.95
CA ILE D 316 18.08 -10.71 46.48
CA ASP D 317 19.30 -9.82 43.17
CA SER D 318 22.65 -9.69 44.64
CA ILE D 319 22.19 -12.83 46.31
CA LEU D 320 21.40 -14.52 43.20
CA GLY D 321 23.81 -12.27 41.61
CA ASN D 322 21.50 -12.05 38.67
CA LYS D 323 21.11 -9.05 36.56
CA PRO D 324 22.91 -8.81 33.29
CA TYR D 325 24.01 -5.44 32.09
CA SER D 326 22.77 -3.41 29.17
CA LEU E 1 16.85 15.34 33.96
CA GLN E 2 18.78 17.04 31.27
CA PHE E 3 17.89 20.29 29.86
CA TYR E 4 18.50 18.41 26.81
CA ARG E 5 15.44 16.73 25.95
CA ASN E 6 14.57 15.07 22.78
CA LEU E 7 12.26 17.04 20.70
CA GLY E 8 9.33 14.76 20.42
CA LYS E 9 10.26 11.59 18.83
CA SER E 10 12.86 13.50 17.09
CA GLY E 11 15.59 11.70 18.86
CA LEU E 12 17.18 15.02 18.49
CA ARG E 13 18.21 16.25 21.76
CA VAL E 14 17.78 19.74 21.94
CA SER E 15 18.40 21.91 24.78
CA CYS E 16 14.90 22.51 25.96
CA LEU E 17 15.75 26.12 25.77
CA GLY E 18 15.57 28.12 22.47
CA LEU E 19 15.89 31.69 21.30
CA GLY E 20 13.19 33.36 19.29
CA THR E 21 13.01 36.78 17.71
CA TRP E 22 10.58 39.16 19.11
CA VAL E 23 11.82 41.81 16.77
CA THR E 24 14.67 41.51 18.87
CA PHE E 25 16.49 42.06 15.84
CA GLY E 26 15.59 45.25 14.34
CA GLY E 27 13.55 46.71 16.95
CA GLN E 28 14.28 45.75 20.36
CA ILE E 29 17.86 46.01 19.71
CA THR E 30 20.63 46.05 17.34
CA ASP E 31 21.98 42.62 17.46
CA GLU E 32 25.29 42.60 18.75
CA MET E 33 25.05 42.38 22.31
CA ALA E 34 22.50 39.82 21.77
CA GLU E 35 24.87 38.06 19.66
CA HIS E 36 27.04 37.79 22.66
CA LEU E 37 24.16 36.42 24.35
CA MET E 38 23.48 34.03 21.72
CA THR E 39 26.92 33.07 21.55
CA LEU E 40 26.85 32.53 25.13
CA ALA E 41 23.75 30.59 24.82
CA TYR E 42 25.39 28.63 22.28
CA ASP E 43 28.23 28.22 24.67
CA ASN E 44 25.73 27.19 27.16
CA GLY E 45 24.67 24.61 24.80
CA ILE E 46 21.59 26.31 23.72
CA ASN E 47 20.81 25.74 20.23
CA LEU E 48 17.43 26.24 18.82
CA PHE E 49 16.75 29.60 17.12
CA ASP E 50 13.67 30.90 15.42
CA THR E 51 12.11 33.62 13.38
CA ALA E 52 9.80 34.06 10.37
CA GLU E 53 9.82 36.67 7.78
CA VAL E 54 7.27 38.64 9.63
CA TYR E 55 9.72 39.05 12.32
CA ALA E 56 11.82 41.95 11.30
CA ALA E 57 10.73 41.52 7.74
CA GLY E 58 13.16 38.64 7.47
CA LYS E 59 15.81 40.81 8.78
CA ALA E 60 16.33 38.81 11.72
CA GLU E 61 17.49 36.06 9.54
CA VAL E 62 19.86 38.14 7.85
CA VAL E 63 21.34 39.46 10.78
CA LEU E 64 21.40 36.19 12.24
CA GLY E 65 22.96 34.84 9.23
CA ASN E 66 25.71 37.30 9.39
CA ILE E 67 26.07 36.61 12.85
CA ILE E 68 26.47 33.02 12.42
CA LYS E 69 29.01 33.70 9.87
CA LYS E 70 30.58 35.86 12.37
CA LYS E 71 30.14 33.15 14.78
CA GLY E 72 31.51 30.79 12.32
CA TRP E 73 30.18 27.65 13.71
CA ARG E 74 29.70 24.39 12.17
CA ARG E 75 26.20 24.06 11.07
CA SER E 76 26.03 21.18 13.18
CA SER E 77 25.97 23.08 16.28
CA LEU E 78 23.24 25.13 15.07
CA VAL E 79 19.66 24.44 15.44
CA ILE E 80 17.75 26.78 13.55
CA THR E 81 14.26 27.11 13.31
CA THR E 82 11.79 29.16 11.42
CA LYS E 83 8.20 29.59 11.41
CA ILE E 84 6.84 30.46 7.97
CA PHE E 85 3.49 31.59 6.72
CA TRP E 86 3.38 34.62 4.68
CA GLY E 87 5.14 37.17 2.84
CA GLY E 88 3.65 40.56 2.28
CA LYS E 89 0.73 41.78 0.45
CA ALA E 90 -0.40 39.25 -1.95
CA GLU E 91 -2.52 36.23 -2.09
CA THR E 92 0.68 34.64 -2.89
CA GLU E 93 2.50 36.23 -0.10
CA ARG E 94 0.99 34.12 2.48
CA GLY E 95 -0.52 30.96 2.42
CA LEU E 96 0.64 27.56 2.23
CA SER E 97 0.97 27.11 -1.42
CA ARG E 98 3.85 24.89 -1.93
CA LYS E 99 5.05 27.70 -4.00
CA HIS E 100 4.66 30.16 -1.25
CA ILE E 101 6.18 27.77 1.00
CA ILE E 102 8.96 27.06 -1.15
CA GLU E 103 9.66 30.43 -2.14
CA GLY E 104 9.57 31.47 1.39
CA LEU E 105 11.88 28.83 2.25
CA LYS E 106 14.21 29.61 -0.35
CA ALA E 107 14.17 33.14 0.07
CA SER E 108 14.49 32.84 3.61
CA LEU E 109 17.36 30.73 3.28
CA GLU E 110 18.98 33.34 1.41
CA ARG E 111 17.95 35.89 3.65
CA LEU E 112 19.63 33.81 6.19
CA GLN E 113 22.26 33.17 3.67
CA LEU E 114 21.66 29.64 4.64
CA GLU E 115 19.91 26.66 3.55
CA TYR E 116 18.18 24.98 6.37
CA VAL E 117 16.25 25.16 9.35
CA ASP E 118 16.11 22.34 11.20
CA VAL E 119 12.48 23.00 11.73
CA VAL E 120 10.03 24.99 9.96
CA PHE E 121 6.91 25.87 11.63
CA ALA E 122 3.45 26.61 10.58
CA ASN E 123 2.15 29.90 11.81
CA ARG E 124 -1.29 28.84 12.05
CA PRO E 125 -3.22 26.45 10.15
CA ASP E 126 -5.75 27.47 7.59
CA PRO E 127 -8.47 25.38 6.12
CA ASN E 128 -8.55 26.95 2.75
CA THR E 129 -5.98 24.51 2.65
CA PRO E 130 -5.20 21.30 1.07
CA MET E 131 -2.94 20.41 3.93
CA GLU E 132 -1.76 17.35 2.29
CA GLU E 133 -0.23 19.47 -0.36
CA THR E 134 1.38 21.29 2.25
CA VAL E 135 2.58 18.30 3.72
CA ARG E 136 3.89 17.01 0.56
CA ALA E 137 5.65 20.11 -0.12
CA MET E 138 7.25 20.28 3.13
CA THR E 139 8.23 16.85 2.92
CA HIS E 140 9.57 17.52 -0.34
CA VAL E 141 11.61 20.29 0.88
CA ILE E 142 13.09 18.26 3.51
CA ASN E 143 13.66 15.67 0.95
CA GLN E 144 15.29 18.32 -0.89
CA GLY E 145 17.19 18.76 2.23
CA MET E 146 16.44 22.24 2.85
CA ALA E 147 15.01 21.69 6.14
CA MET E 148 15.20 18.87 8.32
CA TYR E 149 11.80 18.86 9.75
CA TRP E 150 8.69 20.85 10.04
CA GLY E 151 6.11 21.42 12.81
CA THR E 152 2.97 23.45 13.33
CA SER E 153 2.02 26.34 15.41
CA ARG E 154 -1.21 27.40 16.67
CA TRP E 155 -2.83 24.27 15.65
CA SER E 156 -4.90 21.67 17.18
CA SER E 157 -4.64 18.26 17.51
CA MET E 158 -7.09 16.93 15.27
CA GLU E 159 -5.86 19.21 12.74
CA ILE E 160 -2.58 18.21 13.40
CA MET E 161 -3.49 14.85 13.31
CA GLU E 162 -5.31 15.27 10.30
CA ALA E 163 -2.29 16.00 8.54
CA TYR E 164 -0.51 13.31 10.20
CA SER E 165 -2.85 10.83 9.31
CA VAL E 166 -3.00 11.92 5.83
CA ALA E 167 0.53 11.73 5.63
CA ARG E 168 0.75 8.42 7.09
CA GLN E 169 -1.18 6.72 4.55
CA PHE E 170 0.51 8.88 2.20
CA ASN E 171 3.92 7.98 3.29
CA LEU E 172 4.81 11.40 4.00
CA ILE E 173 6.38 12.50 7.07
CA PRO E 174 4.85 13.83 10.20
CA PRO E 175 6.26 16.82 11.80
CA ILE E 176 7.61 16.38 15.15
CA CYS E 177 6.10 19.27 16.95
CA GLU E 178 3.53 21.77 17.60
CA GLN E 179 4.47 25.09 18.98
CA ALA E 180 2.80 27.22 21.56
CA GLU E 181 3.14 30.55 22.96
CA TYR E 182 2.88 29.77 26.58
CA HIS E 183 2.74 30.25 30.33
CA MET E 184 0.10 30.02 32.94
CA PHE E 185 -2.55 31.83 31.35
CA GLN E 186 -1.24 30.19 28.42
CA ARG E 187 -1.03 26.90 30.03
CA GLU E 188 -3.98 25.37 28.83
CA LYS E 189 -3.60 23.44 25.71
CA VAL E 190 -0.54 21.89 26.84
CA GLU E 191 -1.91 21.08 30.02
CA VAL E 192 -4.39 18.89 28.96
CA GLN E 193 -4.28 18.05 25.54
CA LEU E 194 -1.02 17.90 24.22
CA PRO E 195 0.55 15.00 25.97
CA GLU E 196 -2.06 12.68 24.64
CA LEU E 197 -1.14 13.50 21.29
CA PHE E 198 2.24 12.56 22.30
CA HIS E 199 1.10 9.32 23.86
CA LYS E 200 -0.52 8.25 20.81
CA ILE E 201 1.54 9.73 18.17
CA GLY E 202 4.65 10.75 20.02
CA VAL E 203 5.04 14.25 18.82
CA GLY E 204 6.94 16.80 20.81
CA ALA E 205 5.89 19.92 22.57
CA MET E 206 7.45 23.15 22.06
CA THR E 207 6.45 26.22 23.74
CA TRP E 208 7.54 29.60 22.84
CA SER E 209 7.19 32.80 24.49
CA PRO E 210 6.65 31.04 27.52
CA LEU E 211 6.30 33.84 29.83
CA ALA E 212 4.11 34.93 27.09
CA CYS E 213 7.38 35.82 25.69
CA GLY E 214 8.18 37.42 28.92
CA ILE E 215 4.95 39.30 29.76
CA VAL E 216 4.32 36.86 32.37
CA SER E 217 7.62 37.75 33.79
CA GLY E 218 6.04 40.93 34.84
CA LYS E 219 7.61 44.30 34.30
CA TYR E 220 4.65 46.30 33.27
CA ASP E 221 2.44 45.40 36.02
CA SER E 222 4.95 46.99 38.07
CA GLY E 223 4.13 50.24 36.41
CA ILE E 224 4.47 50.10 32.67
CA PRO E 225 8.05 51.16 32.18
CA PRO E 226 8.78 51.45 28.50
CA TYR E 227 11.08 48.63 27.48
CA SER E 228 8.21 46.82 28.49
CA ARG E 229 8.35 44.74 25.46
CA ALA E 230 4.83 45.96 24.91
CA SER E 231 5.46 49.65 24.89
CA LEU E 232 7.07 49.06 21.68
CA LYS E 233 4.69 49.62 18.83
CA GLY E 234 2.15 47.06 17.94
CA TYR E 235 2.02 44.79 20.90
CA GLN E 236 -0.53 47.14 21.73
CA TRP E 237 -3.41 44.85 21.61
CA LEU E 238 -1.58 42.70 24.01
CA LYS E 239 -0.53 45.77 25.71
CA ASP E 240 -4.10 46.58 26.09
CA LYS E 241 -4.48 43.18 27.46
CA ILE E 242 -1.82 44.12 29.84
CA LEU E 243 -3.74 47.19 30.53
CA SER E 244 -6.73 45.00 31.07
CA GLU E 245 -8.62 44.12 33.98
CA GLU E 246 -7.54 40.73 33.69
CA GLY E 247 -4.13 42.05 33.97
CA ARG E 248 -5.23 43.49 37.27
CA ARG E 249 -6.34 40.11 38.14
CA GLN E 250 -3.00 38.83 37.19
CA GLN E 251 -1.50 41.26 39.50
CA ALA E 252 -3.33 39.59 42.10
CA LYS E 253 -1.51 36.64 41.15
CA LEU E 254 1.61 38.43 40.69
CA LYS E 255 2.28 39.58 44.17
CA GLU E 256 1.84 36.22 45.44
CA LEU E 257 3.66 34.94 42.65
CA GLN E 258 6.52 36.79 43.96
CA ALA E 259 5.76 35.25 47.25
CA ILE E 260 6.51 32.01 45.76
CA ALA E 261 9.67 33.21 44.21
CA GLU E 262 11.52 34.36 47.24
CA ARG E 263 10.43 31.39 49.00
CA LEU E 264 12.34 29.02 46.94
CA GLY E 265 14.40 32.00 46.04
CA CYS E 266 15.05 33.16 42.53
CA THR E 267 13.28 35.74 40.56
CA LEU E 268 9.75 35.24 40.04
CA PRO E 269 10.15 35.29 36.37
CA GLN E 270 12.89 32.90 36.91
CA LEU E 271 10.59 30.99 38.89
CA ALA E 272 8.21 31.29 36.13
CA ILE E 273 10.62 29.72 33.88
CA ALA E 274 11.13 27.19 36.40
CA TRP E 275 7.44 26.51 36.41
CA CYS E 276 7.76 25.80 32.90
CA LEU E 277 10.30 23.30 33.73
CA ARG E 278 7.95 21.53 35.88
CA ASN E 279 6.57 20.47 32.58
CA GLU E 280 8.38 17.55 31.45
CA GLY E 281 6.34 16.11 28.67
CA VAL E 282 7.42 19.27 27.06
CA SER E 283 10.44 19.24 24.99
CA SER E 284 11.51 22.75 24.72
CA VAL E 285 10.76 26.10 25.69
CA LEU E 286 11.77 28.71 23.47
CA LEU E 287 13.59 31.19 25.36
CA GLY E 288 14.84 34.65 25.31
CA ALA E 289 16.01 37.25 27.81
CA SER E 290 15.60 40.82 26.78
CA ASN E 291 19.12 41.76 27.20
CA ALA E 292 21.53 39.67 28.97
CA GLU E 293 19.97 40.08 32.21
CA GLN E 294 16.94 38.18 31.61
CA LEU E 295 19.27 35.59 30.27
CA MET E 296 21.02 35.37 33.54
CA GLU E 297 17.74 34.73 34.95
CA ASN E 298 17.00 32.40 32.26
CA ILE E 299 19.92 30.30 32.57
CA GLY E 300 19.53 29.90 36.24
CA ALA E 301 16.11 28.48 35.97
CA ILE E 302 17.14 25.11 35.01
CA GLN E 303 18.71 24.51 38.25
CA VAL E 304 15.64 25.47 39.93
CA LEU E 305 13.87 22.54 38.60
CA PRO E 306 15.65 20.25 40.89
CA LYS E 307 14.95 22.50 43.66
CA LEU E 308 11.39 22.26 42.91
CA SER E 309 9.11 20.04 44.59
CA SER E 310 5.84 19.10 43.35
CA SER E 311 4.16 20.45 46.29
CA ILE E 312 5.19 23.85 45.45
CA VAL E 313 3.66 23.41 42.23
CA HIS E 314 0.53 22.42 43.81
CA GLU E 315 0.61 25.43 45.85
CA ILE E 316 1.00 27.37 42.88
CA ASP E 317 -1.51 25.70 40.86
CA SER E 318 -3.98 26.12 43.42
CA ILE E 319 -3.00 29.54 44.07
CA LEU E 320 -3.70 30.43 40.62
CA GLY E 321 -6.35 27.90 40.72
CA ASN E 322 -5.12 27.09 37.26
CA LYS E 323 -5.45 23.61 36.29
CA PRO E 324 -7.86 22.15 33.94
CA TYR E 325 -9.25 18.62 34.58
CA SER E 326 -9.68 15.46 32.51
CA LEU F 1 35.64 -20.45 -4.29
CA GLN F 2 37.35 -17.17 -4.13
CA PHE F 3 37.57 -14.21 -1.94
CA TYR F 4 35.39 -12.38 -4.17
CA ARG F 5 32.04 -13.05 -2.89
CA ASN F 6 29.00 -10.96 -2.85
CA LEU F 7 28.26 -9.06 0.16
CA GLY F 8 24.80 -9.76 1.60
CA LYS F 9 22.15 -10.08 -0.97
CA SER F 10 24.02 -7.08 -2.15
CA GLY F 11 24.69 -7.75 -5.74
CA LEU F 12 27.90 -6.33 -4.78
CA ARG F 13 30.68 -8.66 -5.27
CA VAL F 14 33.22 -7.73 -2.95
CA SER F 15 36.55 -8.97 -2.27
CA CYS F 16 35.60 -10.28 1.15
CA LEU F 17 38.61 -8.44 2.20
CA GLY F 18 38.61 -4.79 3.41
CA LEU F 19 41.11 -2.41 4.92
CA GLY F 20 39.78 -0.76 7.94
CA THR F 21 40.72 2.29 9.80
CA TRP F 22 42.42 1.84 13.04
CA VAL F 23 44.07 5.22 12.56
CA THR F 24 47.17 3.47 12.28
CA PHE F 25 47.40 5.47 9.23
CA GLY F 26 47.07 8.93 10.48
CA GLY F 27 48.11 8.07 13.91
CA GLN F 28 50.44 5.22 14.36
CA ILE F 29 52.04 6.04 11.13
CA THR F 30 51.44 8.00 8.14
CA ASP F 31 50.28 6.94 4.80
CA GLU F 32 53.56 5.55 4.09
CA MET F 33 53.04 1.95 4.41
CA ALA F 34 49.48 2.49 3.53
CA GLU F 35 49.62 3.82 0.15
CA HIS F 36 51.83 0.98 -0.72
CA LEU F 37 49.56 -1.26 0.92
CA MET F 38 46.68 0.18 -0.59
CA THR F 39 48.08 0.08 -3.83
CA LEU F 40 48.86 -3.37 -3.31
CA ALA F 41 45.51 -4.10 -2.01
CA TYR F 42 44.13 -2.62 -4.96
CA ASP F 43 46.57 -4.51 -7.01
CA ASN F 44 45.30 -7.68 -5.60
CA GLY F 45 42.01 -6.29 -6.28
CA ILE F 46 40.83 -5.30 -3.00
CA ASN F 47 37.84 -3.21 -2.92
CA LEU F 48 36.91 -1.93 0.35
CA PHE F 49 37.93 0.80 2.76
CA ASP F 50 36.30 2.04 5.97
CA THR F 51 36.64 4.71 8.63
CA ALA F 52 34.56 6.86 10.90
CA GLU F 53 34.73 10.46 11.65
CA VAL F 54 35.94 9.89 15.06
CA TYR F 55 38.48 7.80 13.52
CA ALA F 56 41.45 10.01 12.83
CA ALA F 57 39.12 12.87 13.24
CA GLY F 58 38.14 12.36 9.59
CA LYS F 59 41.73 12.60 8.62
CA ALA F 60 41.60 9.22 7.33
CA GLU F 61 39.31 10.49 4.67
CA VAL F 62 41.57 13.23 3.94
CA VAL F 63 44.30 10.92 3.64
CA LEU F 64 42.19 8.87 1.61
CA GLY F 65 41.22 11.68 -0.55
CA ASN F 66 44.78 12.28 -1.23
CA ILE F 67 45.24 8.77 -1.84
CA ILE F 68 42.73 8.55 -4.39
CA LYS F 69 44.27 11.46 -6.02
CA LYS F 70 47.57 9.83 -6.02
CA LYS F 71 46.03 6.78 -7.05
CA GLY F 72 44.02 8.48 -9.59
CA TRP F 73 41.97 5.40 -9.62
CA ARG F 74 38.90 4.93 -11.53
CA ARG F 75 36.24 5.47 -9.09
CA SER F 76 34.76 2.36 -9.89
CA SER F 77 37.32 0.24 -8.48
CA LEU F 78 37.01 1.91 -5.31
CA VAL F 79 34.85 0.51 -2.71
CA ILE F 80 34.68 2.91 0.00
CA THR F 81 33.05 2.77 3.20
CA THR F 82 32.53 4.73 6.40
CA LYS F 83 30.71 4.13 9.52
CA ILE F 84 29.43 7.35 11.01
CA PHE F 85 28.13 8.04 14.46
CA TRP F 86 30.24 9.59 17.14
CA GLY F 87 30.45 12.99 15.66
CA GLY F 88 31.13 14.32 19.12
CA LYS F 89 30.64 17.54 20.99
CA ALA F 90 27.16 18.34 21.90
CA GLU F 91 23.89 16.78 20.95
CA THR F 92 24.53 17.75 17.49
CA GLU F 93 27.64 15.95 16.73
CA ARG F 94 27.32 12.30 17.04
CA GLY F 95 24.04 10.86 17.30
CA LEU F 96 21.83 9.60 14.66
CA SER F 97 20.10 12.81 13.95
CA ARG F 98 19.19 12.82 10.43
CA LYS F 99 20.91 16.08 10.52
CA HIS F 100 24.06 14.68 12.04
CA ILE F 101 23.89 12.01 9.65
CA ILE F 102 23.54 14.16 6.81
CA GLU F 103 25.97 16.58 7.81
CA GLY F 104 28.38 13.98 8.70
CA LEU F 105 28.03 12.51 5.41
CA LYS F 106 28.52 15.70 3.82
CA ALA F 107 31.46 16.35 5.82
CA SER F 108 32.77 13.19 4.69
CA LEU F 109 32.17 13.85 1.25
CA GLU F 110 34.20 16.77 1.23
CA ARG F 111 36.76 15.32 3.42
CA LEU F 112 37.22 12.60 1.05
CA GLN F 113 36.61 15.05 -1.55
CA LEU F 114 34.20 12.38 -2.56
CA GLU F 115 30.82 11.87 -3.47
CA TYR F 116 29.54 8.71 -2.02
CA VAL F 117 30.73 5.89 0.00
CA ASP F 118 29.74 2.91 -1.31
CA VAL F 119 28.57 1.92 2.11
CA VAL F 120 27.89 3.73 5.18
CA PHE F 121 27.65 2.09 8.47
CA ALA F 122 26.01 2.89 11.69
CA ASN F 123 28.35 2.55 14.65
CA ARG F 124 26.04 1.48 17.21
CA PRO F 125 22.47 1.98 17.56
CA ASP F 126 20.65 4.04 20.08
CA PRO F 127 17.02 3.95 20.65
CA ASN F 128 16.91 7.35 22.17
CA THR F 129 16.38 7.98 18.68
CA PRO F 130 13.84 6.21 16.63
CA MET F 131 15.74 4.75 13.77
CA GLU F 132 13.60 4.29 10.90
CA GLU F 133 13.01 7.63 9.59
CA THR F 134 16.57 8.01 10.05
CA VAL F 135 16.97 5.20 7.83
CA ARG F 136 14.79 6.89 5.32
CA ALA F 137 16.95 9.85 5.46
CA MET F 138 19.76 7.62 4.61
CA THR F 139 17.78 6.29 1.94
CA HIS F 140 17.41 9.69 0.77
CA VAL F 141 21.01 10.16 0.96
CA ILE F 142 21.73 7.24 -1.15
CA ASN F 143 19.18 8.64 -3.41
CA GLN F 144 21.08 11.69 -3.21
CA GLY F 145 23.92 9.64 -4.39
CA MET F 146 26.18 9.36 -1.55
CA ALA F 147 25.95 5.85 -0.93
CA MET F 148 25.04 2.95 -2.62
CA TYR F 149 24.10 1.24 0.47
CA TRP F 150 24.34 1.42 4.17
CA GLY F 151 24.87 -1.02 7.08
CA THR F 152 24.50 -1.22 10.83
CA SER F 153 27.07 -1.87 13.34
CA ARG F 154 27.03 -3.11 16.72
CA TRP F 155 23.49 -3.81 16.80
CA SER F 156 21.61 -6.93 16.74
CA SER F 157 19.40 -8.41 14.66
CA MET F 158 16.04 -7.76 15.82
CA GLU F 159 16.91 -4.33 16.23
CA ILE F 160 18.27 -4.27 13.01
CA MET F 161 15.49 -6.08 11.84
CA GLU F 162 13.16 -3.86 13.19
CA ALA F 163 14.39 -1.18 11.16
CA TYR F 164 14.15 -3.39 8.29
CA SER F 165 10.70 -3.92 9.04
CA VAL F 166 9.83 -0.38 9.16
CA ALA F 167 11.48 0.11 6.05
CA ARG F 168 9.87 -2.72 4.46
CA GLN F 169 6.62 -1.28 4.72
CA PHE F 170 8.18 1.92 4.09
CA ASN F 171 9.78 1.43 0.86
CA LEU F 172 13.18 2.18 1.92
CA ILE F 173 15.82 -0.29 1.60
CA PRO F 174 17.40 -2.02 4.45
CA PRO F 175 21.05 -1.96 4.75
CA ILE F 176 22.79 -4.91 3.55
CA CYS F 177 25.15 -5.57 6.34
CA GLU F 178 25.87 -5.64 9.95
CA GLN F 179 29.30 -5.02 11.24
CA ALA F 180 30.91 -6.90 14.02
CA GLU F 181 34.15 -7.09 15.62
CA TYR F 182 35.07 -10.69 14.99
CA HIS F 183 37.27 -13.59 15.89
CA MET F 184 37.17 -16.47 18.18
CA PHE F 185 36.19 -14.65 21.11
CA GLN F 186 33.97 -13.30 18.68
CA ARG F 187 32.81 -16.31 16.86
CA GLU F 188 29.62 -16.09 18.63
CA LYS F 189 27.37 -13.71 17.03
CA VAL F 190 28.06 -15.00 13.78
CA GLU F 191 27.71 -18.38 14.81
CA VAL F 192 24.52 -18.03 16.24
CA GLN F 193 22.66 -15.24 14.83
CA LEU F 194 23.92 -14.26 11.76
CA PRO F 195 22.91 -16.70 9.15
CA GLU F 196 19.41 -16.64 10.41
CA LEU F 197 19.16 -13.20 9.37
CA PHE F 198 20.61 -14.29 6.23
CA HIS F 199 17.76 -16.64 5.67
CA LYS F 200 15.23 -14.08 6.26
CA ILE F 201 16.86 -11.00 5.15
CA GLY F 202 19.97 -12.33 3.48
CA VAL F 203 22.00 -9.47 4.70
CA GLY F 204 25.71 -9.66 4.76
CA ALA F 205 28.24 -10.30 7.36
CA MET F 206 30.91 -7.99 8.08
CA THR F 207 33.59 -8.41 10.35
CA TRP F 208 35.69 -5.69 11.32
CA SER F 209 38.49 -6.43 13.46
CA PRO F 210 38.29 -10.15 12.74
CA LEU F 211 41.45 -10.79 14.45
CA ALA F 212 39.88 -8.60 16.88
CA CYS F 213 41.56 -6.15 14.66
CA GLY F 214 44.75 -8.02 14.83
CA ILE F 215 44.40 -8.58 18.52
CA VAL F 216 44.09 -12.18 17.98
CA SER F 217 47.04 -12.34 15.91
CA GLY F 218 50.15 -12.87 17.95
CA LYS F 219 51.17 -9.31 18.79
CA TYR F 220 49.86 -10.51 22.10
CA ASP F 221 53.06 -12.37 21.86
CA SER F 222 54.79 -12.26 25.12
CA GLY F 223 52.35 -9.87 26.65
CA ILE F 224 52.89 -6.75 24.65
CA PRO F 225 56.09 -5.15 23.40
CA PRO F 226 55.67 -1.68 22.12
CA TYR F 227 54.41 -1.62 18.57
CA SER F 228 51.77 -3.89 19.36
CA ARG F 229 48.81 -2.00 18.28
CA ALA F 230 47.92 -1.77 21.95
CA SER F 231 50.98 -0.16 23.29
CA LEU F 232 49.94 2.75 21.37
CA LYS F 233 47.24 4.76 23.13
CA GLY F 234 43.51 4.66 22.78
CA TYR F 235 43.25 0.94 23.00
CA GLN F 236 44.35 1.18 26.42
CA TRP F 237 41.36 -0.32 28.06
CA LEU F 238 41.58 -3.18 25.68
CA LYS F 239 45.15 -3.20 26.47
CA ASP F 240 44.13 -3.67 29.98
CA LYS F 241 42.06 -6.47 28.75
CA ILE F 242 45.05 -7.79 27.07
CA LEU F 243 46.83 -7.36 30.27
CA SER F 244 44.09 -9.30 31.92
CA GLU F 245 43.94 -12.63 33.31
CA GLU F 246 41.71 -13.65 30.71
CA GLY F 247 44.39 -12.48 28.49
CA ARG F 248 46.37 -15.18 30.14
CA ARG F 249 43.71 -17.66 29.50
CA GLN F 250 43.43 -17.18 25.78
CA GLN F 251 47.03 -16.76 25.94
CA ALA F 252 47.08 -20.24 27.09
CA LYS F 253 45.39 -21.08 24.04
CA LEU F 254 47.51 -19.20 21.78
CA LYS F 255 50.67 -21.16 21.73
CA GLU F 256 48.82 -24.19 21.20
CA LEU F 257 46.90 -22.45 18.65
CA GLN F 258 50.19 -21.85 17.05
CA ALA F 259 50.68 -25.53 17.32
CA ILE F 260 47.99 -25.81 14.93
CA ALA F 261 49.33 -23.23 12.59
CA GLU F 262 52.83 -24.48 12.15
CA ARG F 263 51.48 -27.87 11.95
CA LEU F 264 49.58 -26.98 8.97
CA GLY F 265 52.29 -24.60 8.20
CA CYS F 266 51.36 -20.99 8.21
CA THR F 267 51.33 -18.34 10.71
CA LEU F 268 48.86 -18.50 13.26
CA PRO F 269 47.67 -15.13 12.38
CA GLN F 270 47.17 -16.45 8.90
CA LEU F 271 45.57 -19.22 10.49
CA ALA F 272 43.54 -16.92 12.42
CA ILE F 273 42.50 -15.24 9.35
CA ALA F 274 42.03 -18.40 7.73
CA TRP F 275 39.73 -19.41 10.39
CA CYS F 276 37.63 -16.61 9.45
CA LEU F 277 37.71 -17.89 6.02
CA ARG F 278 36.25 -21.04 7.22
CA ASN F 279 33.16 -18.98 7.28
CA GLU F 280 31.45 -18.76 4.08
CA GLY F 281 28.09 -17.53 5.11
CA VAL F 282 30.25 -14.70 6.12
CA SER F 283 30.43 -12.25 3.46
CA SER F 284 33.27 -10.13 4.28
CA VAL F 285 36.16 -9.82 6.31
CA LEU F 286 37.44 -6.53 6.89
CA LEU F 287 41.02 -6.74 6.70
CA GLY F 288 43.99 -4.97 7.80
CA ALA F 289 47.70 -5.49 8.23
CA SER F 290 50.16 -3.09 9.64
CA ASN F 291 52.95 -4.58 8.06
CA ALA F 292 52.96 -4.99 4.52
CA GLU F 293 54.47 -8.06 5.80
CA GLN F 294 51.30 -8.63 7.79
CA LEU F 295 49.45 -8.04 4.66
CA MET F 296 51.54 -10.41 3.03
CA GLU F 297 50.70 -12.83 5.59
CA ASN F 298 47.17 -11.88 5.28
CA ILE F 299 46.83 -12.47 1.70
CA GLY F 300 48.36 -15.84 2.09
CA ALA F 301 45.49 -16.89 4.29
CA ILE F 302 43.29 -17.22 1.36
CA GLN F 303 45.17 -20.30 0.34
CA VAL F 304 44.53 -21.68 3.63
CA LEU F 305 40.97 -22.02 2.85
CA PRO F 306 41.89 -24.69 0.44
CA LYS F 307 44.17 -26.07 2.92
CA LEU F 308 41.48 -26.37 5.41
CA SER F 309 40.37 -29.50 6.81
CA SER F 310 37.16 -29.12 8.45
CA SER F 311 38.43 -31.38 11.06
CA ILE F 312 41.06 -28.98 11.86
CA VAL F 313 38.48 -26.55 12.50
CA HIS F 314 36.88 -28.94 14.77
CA GLU F 315 40.08 -29.41 16.51
CA ILE F 316 40.25 -25.87 16.92
CA ASP F 317 36.82 -25.40 18.00
CA SER F 318 37.23 -27.90 20.57
CA ILE F 319 40.51 -26.66 21.49
CA LEU F 320 39.09 -23.40 22.26
CA GLY F 321 36.13 -25.26 23.29
CA ASN F 322 34.15 -22.49 21.76
CA LYS F 323 30.97 -23.05 20.04
CA PRO F 324 27.62 -22.21 21.07
CA TYR F 325 24.72 -24.51 20.40
CA SER F 326 21.35 -24.09 18.69
CA LEU G 1 1.16 0.93 -40.76
CA GLN G 2 3.32 3.76 -39.66
CA PHE G 3 6.90 3.92 -39.79
CA TYR G 4 6.34 5.34 -36.52
CA ARG G 5 5.37 2.93 -34.04
CA ASN G 6 4.91 3.21 -30.41
CA LEU G 7 7.61 1.74 -28.48
CA GLY G 8 6.24 -0.59 -25.94
CA LYS G 9 3.62 1.23 -24.07
CA SER G 10 5.77 4.20 -24.31
CA GLY G 11 3.60 6.17 -26.68
CA LEU G 12 6.87 7.09 -28.06
CA ARG G 13 6.65 6.90 -31.67
CA VAL G 14 9.70 5.75 -32.98
CA SER G 15 11.14 4.81 -36.11
CA CYS G 16 10.73 1.15 -36.10
CA LEU G 17 14.34 1.19 -37.03
CA GLY G 18 17.22 2.34 -34.93
CA LEU G 19 20.85 2.29 -35.77
CA GLY G 20 23.14 0.80 -33.28
CA THR G 21 26.87 0.53 -33.20
CA TRP G 22 28.83 -2.34 -34.25
CA VAL G 23 32.13 -0.67 -33.64
CA THR G 24 31.17 0.97 -36.61
CA PHE G 25 32.82 3.64 -34.86
CA GLY G 26 36.31 2.80 -34.31
CA GLY G 27 36.63 -0.18 -36.34
CA GLN G 28 34.44 -0.50 -39.15
CA ILE G 29 34.63 2.98 -40.25
CA THR G 30 35.36 6.48 -39.74
CA ASP G 31 32.44 8.19 -38.49
CA GLU G 32 31.75 10.85 -41.00
CA MET G 33 30.86 8.25 -43.35
CA ALA G 34 28.54 6.88 -40.88
CA GLU G 35 27.50 10.21 -40.08
CA HIS G 36 26.19 10.82 -43.43
CA LEU G 37 24.24 7.85 -42.97
CA MET G 38 23.12 8.81 -39.63
CA THR G 39 22.50 12.14 -40.75
CA LEU G 40 20.39 10.84 -43.33
CA ALA G 41 18.73 8.62 -40.95
CA TYR G 42 18.04 11.51 -38.92
CA ASP G 43 16.70 13.17 -41.97
CA ASN G 44 14.63 10.18 -42.55
CA GLY G 45 13.26 10.58 -39.19
CA ILE G 46 15.11 7.53 -38.16
CA ASN G 47 15.81 8.19 -34.65
CA LEU G 48 17.13 5.60 -32.28
CA PHE G 49 20.89 5.06 -31.82
CA ASP G 50 22.71 2.56 -29.61
CA THR G 51 25.94 1.48 -28.06
CA ALA G 52 27.25 -0.10 -24.90
CA GLU G 53 30.31 0.64 -23.00
CA VAL G 54 32.02 -2.37 -24.16
CA TYR G 55 30.89 -1.67 -27.60
CA ALA G 56 33.61 0.40 -29.24
CA ALA G 57 34.88 0.78 -25.75
CA GLY G 58 32.29 3.53 -25.26
CA LYS G 59 34.17 5.52 -27.72
CA ALA G 60 31.40 5.38 -30.05
CA GLU G 61 29.39 7.54 -27.75
CA VAL G 62 32.01 9.98 -27.66
CA VAL G 63 32.29 10.16 -31.21
CA LEU G 64 28.71 10.19 -31.51
CA GLY G 65 28.48 12.83 -29.02
CA ASN G 66 30.74 15.02 -30.95
CA ILE G 67 28.90 14.28 -33.89
CA ILE G 68 25.69 15.19 -32.48
CA LYS G 69 27.07 18.41 -31.43
CA LYS G 70 28.20 18.67 -34.91
CA LYS G 71 24.77 17.69 -35.88
CA GLY G 72 23.48 20.21 -33.54
CA TRP G 73 20.15 18.73 -33.07
CA ARG G 74 17.87 19.38 -30.30
CA ARG G 75 17.92 16.51 -27.94
CA SER G 76 14.38 16.25 -28.58
CA SER G 77 14.90 14.90 -31.93
CA LEU G 78 17.13 12.34 -30.67
CA VAL G 79 16.54 8.86 -29.69
CA ILE G 80 19.46 7.47 -27.96
CA THR G 81 20.40 4.23 -26.56
CA THR G 82 22.77 2.30 -24.58
CA LYS G 83 22.82 -1.10 -23.35
CA ILE G 84 25.12 -1.26 -20.29
CA PHE G 85 26.63 -4.14 -18.43
CA TRP G 86 30.03 -5.53 -19.22
CA GLY G 87 32.01 -2.71 -17.85
CA GLY G 88 35.10 -4.85 -17.37
CA LYS G 89 37.93 -5.34 -14.84
CA ALA G 90 36.89 -5.59 -11.28
CA GLU G 91 33.36 -6.48 -10.67
CA THR G 92 32.75 -2.88 -10.27
CA GLU G 93 33.34 -2.59 -13.91
CA ARG G 94 30.55 -4.58 -15.29
CA GLY G 95 27.93 -5.76 -13.12
CA LEU G 96 24.66 -4.39 -12.19
CA SER G 97 25.81 -2.73 -9.10
CA ARG G 98 23.94 0.31 -8.31
CA LYS G 99 27.38 1.64 -8.50
CA HIS G 100 28.10 0.14 -11.86
CA ILE G 101 24.94 1.45 -13.02
CA ILE G 102 25.43 4.74 -11.74
CA GLU G 103 28.88 5.03 -12.68
CA GLY G 104 27.98 3.59 -15.97
CA LEU G 105 25.63 6.29 -16.33
CA LYS G 106 27.99 8.79 -15.41
CA ALA G 107 30.60 7.51 -17.53
CA SER G 108 28.32 7.38 -20.24
CA LEU G 109 27.21 10.79 -19.67
CA GLU G 110 30.55 12.09 -20.05
CA ARG G 111 31.01 9.82 -22.90
CA LEU G 112 28.05 11.19 -24.74
CA GLN G 113 29.28 14.14 -22.78
CA LEU G 114 25.78 14.78 -22.60
CA GLU G 115 22.86 14.37 -20.44
CA TYR G 116 20.68 11.26 -20.86
CA VAL G 117 19.44 8.34 -22.87
CA ASP G 118 16.27 7.40 -23.80
CA VAL G 119 16.93 3.87 -23.12
CA VAL G 120 19.27 2.14 -21.12
CA PHE G 121 19.39 -1.45 -21.66
CA ALA G 122 20.51 -4.29 -19.61
CA ASN G 123 22.83 -6.48 -21.60
CA ARG G 124 21.96 -9.63 -20.04
CA PRO G 125 20.77 -10.28 -16.66
CA ASP G 126 22.60 -12.00 -13.88
CA PRO G 127 21.00 -13.63 -10.96
CA ASN G 128 23.71 -12.83 -8.55
CA THR G 129 21.56 -10.02 -8.48
CA PRO G 130 19.14 -8.28 -6.34
CA MET G 131 17.34 -7.11 -9.37
CA GLU G 132 15.32 -4.82 -7.34
CA GLU G 133 18.36 -2.87 -6.68
CA THR G 134 18.73 -2.70 -10.25
CA VAL G 135 15.36 -1.53 -10.69
CA ARG G 136 15.66 0.93 -7.97
CA ALA G 137 18.66 2.21 -9.57
CA MET G 138 16.83 2.35 -12.73
CA THR G 139 14.31 4.41 -11.28
CA HIS G 140 16.75 6.34 -9.49
CA VAL G 141 18.34 7.23 -12.56
CA ILE G 142 15.31 8.07 -14.31
CA ASN G 143 14.32 10.58 -11.83
CA GLN G 144 17.77 11.64 -12.15
CA GLY G 145 16.92 12.19 -15.69
CA MET G 146 19.89 10.54 -16.93
CA ALA G 147 17.47 8.31 -18.50
CA MET G 148 14.03 8.54 -19.30
CA TYR G 149 13.61 4.91 -19.73
CA TRP G 150 15.14 1.53 -19.69
CA GLY G 151 14.86 -1.97 -21.15
CA THR G 152 16.46 -5.36 -20.65
CA SER G 153 18.31 -7.47 -23.06
CA ARG G 154 18.91 -11.05 -23.32
CA TRP G 155 16.69 -12.31 -20.69
CA SER G 156 13.63 -14.41 -20.70
CA SER G 157 10.54 -13.02 -20.20
CA MET G 158 9.55 -14.47 -17.09
CA GLU G 159 12.51 -13.10 -15.61
CA ILE G 160 11.93 -10.00 -17.06
CA MET G 161 8.62 -9.99 -15.74
CA GLU G 162 9.80 -11.03 -12.57
CA ALA G 163 11.47 -7.89 -12.14
CA TYR G 164 8.46 -6.11 -13.29
CA SER G 165 6.44 -7.56 -10.79
CA VAL G 166 8.73 -6.74 -8.08
CA ALA G 167 8.77 -3.39 -9.24
CA ARG G 168 5.12 -3.16 -9.49
CA GLN G 169 4.56 -3.51 -5.96
CA PHE G 170 7.44 -1.41 -5.55
CA ASN G 171 6.35 1.49 -7.45
CA LEU G 172 9.18 1.38 -9.71
CA ILE G 173 8.52 1.62 -13.29
CA PRO G 174 9.19 -1.29 -15.40
CA PRO G 175 11.36 -1.20 -18.35
CA ILE G 176 9.66 -0.86 -21.54
CA CYS G 177 11.52 -3.24 -23.85
CA GLU G 178 13.49 -6.29 -24.30
CA GLN G 179 16.29 -6.41 -26.73
CA ALA G 180 16.89 -9.56 -28.65
CA GLU G 181 18.72 -10.61 -31.62
CA TYR G 182 15.99 -11.14 -34.20
CA HIS G 183 15.09 -13.09 -37.19
CA MET G 184 14.83 -16.52 -38.36
CA PHE G 185 17.41 -17.41 -36.04
CA GLN G 186 15.23 -15.54 -33.87
CA ARG G 187 11.72 -15.95 -34.77
CA GLU G 188 11.34 -18.06 -31.75
CA LYS G 189 11.25 -15.90 -28.73
CA VAL G 190 9.67 -13.34 -30.63
CA GLU G 191 6.95 -15.28 -31.83
CA VAL G 192 6.30 -17.09 -28.92
CA GLN G 193 7.25 -15.20 -26.03
CA LEU G 194 6.57 -11.83 -26.84
CA PRO G 195 2.95 -11.15 -27.42
CA GLU G 196 1.73 -12.37 -24.02
CA LEU G 197 4.22 -10.11 -22.62
CA PHE G 198 2.62 -7.61 -24.75
CA HIS G 199 -0.65 -8.35 -23.13
CA LYS G 200 0.61 -7.97 -19.71
CA ILE G 201 3.37 -5.59 -20.22
CA GLY G 202 3.00 -4.35 -23.81
CA VAL G 203 6.65 -3.67 -23.85
CA GLY G 204 8.75 -3.20 -26.91
CA ALA G 205 10.42 -5.51 -29.23
CA MET G 206 13.92 -5.17 -30.22
CA THR G 207 16.04 -6.82 -32.73
CA TRP G 208 19.63 -6.57 -32.93
CA SER G 209 21.60 -8.03 -35.72
CA PRO G 210 18.52 -8.17 -37.57
CA LEU G 211 19.95 -9.86 -40.51
CA ALA G 212 22.30 -10.83 -37.94
CA CYS G 213 23.74 -7.54 -38.97
CA GLY G 214 24.24 -8.29 -42.55
CA ILE G 215 24.32 -12.01 -42.17
CA VAL G 216 21.24 -11.65 -44.18
CA SER G 217 23.23 -9.31 -46.43
CA GLY G 218 24.57 -12.63 -47.47
CA LYS G 219 28.30 -11.99 -47.37
CA TYR G 220 28.56 -15.56 -46.30
CA ASP G 221 27.69 -16.39 -49.81
CA SER G 222 31.00 -17.27 -51.17
CA GLY G 223 32.35 -17.42 -47.70
CA ILE G 224 33.53 -14.23 -46.25
CA PRO G 225 34.90 -11.73 -48.62
CA PRO G 226 37.21 -9.42 -46.80
CA TYR G 227 34.92 -6.82 -45.41
CA SER G 228 32.20 -8.32 -43.70
CA ARG G 229 32.03 -7.94 -40.06
CA ALA G 230 33.22 -11.47 -40.04
CA SER G 231 36.32 -10.40 -41.79
CA LEU G 232 36.85 -8.27 -38.78
CA LYS G 233 38.61 -9.52 -35.76
CA GLY G 234 36.80 -11.46 -33.21
CA TYR G 235 33.48 -11.84 -34.84
CA GLN G 236 35.30 -14.84 -35.56
CA TRP G 237 33.64 -16.92 -33.00
CA LEU G 238 30.50 -16.28 -34.81
CA LYS G 239 32.38 -16.39 -37.92
CA ASP G 240 33.35 -19.87 -37.20
CA LYS G 241 29.75 -20.43 -36.69
CA ILE G 242 29.18 -18.79 -39.90
CA LEU G 243 31.57 -21.14 -41.43
CA SER G 244 29.64 -23.87 -39.75
CA GLU G 245 27.77 -26.48 -41.32
CA GLU G 246 24.70 -24.99 -40.21
CA GLY G 247 25.81 -21.92 -41.87
CA ARG G 248 25.96 -23.99 -44.98
CA ARG G 249 22.56 -25.22 -44.29
CA GLN G 250 21.34 -21.81 -44.01
CA GLN G 251 23.21 -20.90 -46.96
CA ALA G 252 21.21 -23.49 -48.53
CA LYS G 253 18.23 -21.60 -47.52
CA LEU G 254 19.37 -18.35 -48.67
CA LYS G 255 19.44 -18.17 -52.38
CA GLU G 256 15.98 -19.38 -52.87
CA LEU G 257 15.05 -17.10 -50.26
CA GLN G 258 16.59 -14.58 -52.49
CA ALA G 259 14.57 -16.10 -55.21
CA ILE G 260 11.61 -15.02 -53.45
CA ALA G 261 12.94 -11.54 -53.00
CA GLU G 262 13.96 -11.20 -56.51
CA ARG G 263 10.61 -12.03 -57.67
CA LEU G 264 9.29 -9.37 -55.56
CA GLY G 265 12.24 -7.24 -56.24
CA CYS G 266 14.38 -5.85 -53.50
CA THR G 267 17.31 -7.56 -52.13
CA LEU G 268 16.83 -10.43 -50.06
CA PRO G 269 18.45 -8.67 -47.28
CA GLN G 270 16.09 -5.92 -47.91
CA LEU G 271 13.49 -8.39 -47.92
CA ALA G 272 14.85 -9.71 -44.83
CA ILE G 273 14.34 -6.51 -43.20
CA ALA G 274 11.05 -6.40 -44.67
CA TRP G 275 10.31 -9.73 -43.28
CA CYS G 276 10.94 -8.29 -40.01
CA LEU G 277 8.40 -5.75 -40.82
CA ARG G 278 5.93 -8.46 -41.24
CA ASN G 279 5.97 -8.37 -37.51
CA GLU G 280 3.81 -5.79 -36.09
CA GLY G 281 3.69 -6.45 -32.40
CA VAL G 282 7.25 -5.71 -32.99
CA SER G 283 8.44 -2.30 -32.39
CA SER G 284 11.83 -1.82 -33.68
CA VAL G 285 14.70 -3.17 -35.41
CA LEU G 286 18.13 -2.26 -34.68
CA LEU G 287 19.54 -1.31 -37.86
CA GLY G 288 22.88 -0.96 -39.27
CA ALA G 289 24.38 -0.60 -42.70
CA SER G 290 27.89 0.44 -43.31
CA ASN G 291 27.10 1.65 -46.44
CA ALA G 292 24.97 4.08 -47.87
CA GLU G 293 24.33 1.08 -49.86
CA GLN G 294 23.24 -1.16 -47.00
CA LEU G 295 21.44 1.78 -45.80
CA MET G 296 19.91 2.13 -49.03
CA GLU G 297 18.63 -1.20 -48.79
CA ASN G 298 17.66 -0.51 -45.36
CA ILE G 299 15.68 2.47 -45.96
CA GLY G 300 14.04 0.75 -48.79
CA ALA G 301 12.56 -1.83 -46.51
CA ILE G 302 9.83 0.45 -45.59
CA GLN G 303 8.54 0.17 -49.00
CA VAL G 304 8.45 -3.45 -48.69
CA LEU G 305 5.84 -3.49 -46.14
CA PRO G 306 2.91 -2.92 -48.42
CA LYS G 307 4.38 -5.26 -50.78
CA LEU G 308 4.29 -7.77 -48.10
CA SER G 309 2.02 -10.46 -48.98
CA SER G 310 1.27 -12.62 -46.19
CA SER G 311 1.15 -15.65 -48.21
CA ILE G 312 4.61 -15.19 -49.20
CA VAL G 313 5.52 -15.02 -45.71
CA HIS G 314 3.91 -18.26 -45.28
CA GLU G 315 5.80 -19.62 -48.10
CA ILE G 316 8.82 -18.43 -46.59
CA ASP G 317 7.97 -19.83 -43.35
CA SER G 318 7.59 -23.04 -45.04
CA ILE G 319 10.70 -22.68 -46.82
CA LEU G 320 12.54 -22.23 -43.74
CA GLY G 321 10.07 -24.51 -42.32
CA ASN G 322 10.47 -22.50 -39.18
CA LYS G 323 7.77 -21.68 -36.85
CA PRO G 324 7.13 -23.10 -33.49
CA TYR G 325 3.57 -23.85 -32.41
CA SER G 326 1.58 -22.75 -29.37
CA LEU H 1 -17.72 36.54 -3.37
CA GLN H 2 -14.13 37.47 -3.30
CA PHE H 3 -12.27 37.94 -6.32
CA TYR H 4 -9.60 35.88 -5.02
CA ARG H 5 -10.64 32.45 -5.26
CA ASN H 6 -9.19 29.18 -4.63
CA LEU H 7 -8.21 27.32 -7.59
CA GLY H 8 -9.33 23.77 -7.54
CA LYS H 9 -8.47 22.51 -4.19
CA SER H 10 -5.34 24.47 -4.42
CA GLY H 11 -5.83 27.13 -1.79
CA LEU H 12 -4.41 29.28 -4.42
CA ARG H 13 -6.23 32.42 -4.33
CA VAL H 14 -6.33 33.86 -7.55
CA SER H 15 -7.76 36.44 -9.54
CA CYS H 16 -10.40 34.47 -11.24
CA LEU H 17 -9.06 36.08 -14.28
CA GLY H 18 -5.91 35.10 -16.07
CA LEU H 19 -4.36 36.73 -19.05
CA GLY H 20 -3.72 34.65 -22.04
CA THR H 21 -1.88 35.45 -25.24
CA TRP H 22 -3.58 34.59 -28.29
CA VAL H 23 -0.36 35.42 -29.99
CA THR H 24 -1.27 38.69 -28.98
CA PHE H 25 2.28 38.72 -28.27
CA GLY H 26 4.13 38.31 -31.36
CA GLY H 27 1.41 38.88 -33.70
CA GLN H 28 -1.17 41.13 -32.54
CA ILE H 29 1.06 43.36 -30.66
CA THR H 30 4.14 44.70 -29.28
CA ASP H 31 5.12 43.85 -25.93
CA GLU H 32 5.21 47.09 -24.20
CA MET H 33 1.74 47.43 -25.22
CA ALA H 34 1.10 44.21 -23.61
CA GLU H 35 3.05 45.28 -20.75
CA HIS H 36 0.76 48.00 -19.82
CA LEU H 37 -1.79 45.53 -19.71
CA MET H 38 0.15 43.21 -17.71
CA THR H 39 1.45 45.69 -15.52
CA LEU H 40 -1.88 46.79 -14.81
CA ALA H 41 -3.00 43.33 -14.31
CA TYR H 42 -0.25 42.84 -12.00
CA ASP H 43 -1.37 45.96 -10.27
CA ASN H 44 -4.80 44.68 -10.25
CA GLY H 45 -3.73 41.68 -8.48
CA ILE H 46 -4.43 39.75 -11.52
CA ASN H 47 -1.99 37.06 -11.41
CA LEU H 48 -2.24 34.21 -13.77
CA PHE H 49 -0.67 34.30 -17.24
CA ASP H 50 -0.49 31.61 -19.91
CA THR H 51 1.16 30.64 -23.14
CA ALA H 52 2.28 27.44 -24.92
CA GLU H 53 5.02 26.12 -27.02
CA VAL H 54 2.82 26.27 -29.91
CA TYR H 55 1.74 29.73 -29.14
CA ALA H 56 4.09 31.91 -31.10
CA ALA H 57 6.61 29.12 -31.18
CA GLY H 58 7.04 29.81 -27.51
CA LYS H 59 7.93 33.22 -28.33
CA ALA H 60 5.27 35.01 -26.67
CA GLU H 61 6.43 33.44 -23.57
CA VAL H 62 9.93 34.38 -24.22
CA VAL H 63 9.04 37.82 -24.62
CA LEU H 64 7.07 37.67 -21.61
CA GLY H 65 9.79 35.90 -19.94
CA ASN H 66 11.95 38.82 -20.37
CA ILE H 67 9.50 41.27 -19.56
CA ILE H 68 8.48 40.00 -16.39
CA LYS H 69 12.02 39.91 -15.47
CA LYS H 70 12.30 43.51 -16.26
CA LYS H 71 9.15 44.01 -14.44
CA GLY H 72 10.95 42.19 -11.86
CA TRP H 73 8.62 40.96 -9.43
CA ARG H 74 8.79 38.71 -6.61
CA ARG H 75 8.24 35.39 -8.08
CA SER H 76 5.61 34.89 -5.70
CA SER H 77 3.33 37.27 -7.23
CA LEU H 78 3.62 35.60 -10.41
CA VAL H 79 1.19 33.07 -11.47
CA ILE H 80 2.36 31.63 -14.60
CA THR H 81 1.07 29.14 -16.87
CA THR H 82 1.83 27.14 -19.85
CA LYS H 83 0.14 24.56 -21.64
CA ILE H 84 2.31 22.06 -23.51
CA PHE H 85 1.38 19.49 -26.11
CA TRP H 86 1.82 20.38 -29.79
CA GLY H 87 5.51 20.78 -30.02
CA GLY H 88 5.74 19.90 -33.64
CA LYS H 89 8.14 18.31 -36.02
CA ALA H 90 8.57 14.69 -35.58
CA GLU H 91 7.37 12.33 -32.94
CA THR H 92 9.55 14.03 -30.57
CA GLU H 93 8.15 17.45 -30.63
CA ARG H 94 4.62 17.44 -29.60
CA GLY H 95 3.16 14.58 -28.03
CA LEU H 96 2.98 14.06 -24.44
CA SER H 97 5.99 11.93 -24.03
CA ARG H 98 7.49 12.25 -20.74
CA LYS H 99 10.47 13.08 -22.76
CA HIS H 100 8.65 15.67 -24.76
CA ILE H 101 7.34 16.95 -21.61
CA ILE H 102 10.50 17.17 -20.00
CA GLU H 103 12.32 18.72 -22.69
CA GLY H 104 9.59 21.10 -23.44
CA LEU H 105 9.45 22.08 -20.01
CA LYS H 106 12.99 22.67 -19.80
CA ALA H 107 12.92 24.66 -22.87
CA SER H 108 10.26 26.76 -21.67
CA LEU H 109 11.95 27.37 -18.56
CA GLU H 110 14.94 28.57 -20.16
CA ARG H 111 12.83 30.47 -22.43
CA LEU H 112 11.37 32.17 -19.61
CA GLN H 113 14.62 32.08 -18.01
CA LEU H 114 12.45 30.78 -15.31
CA GLU H 115 11.89 27.83 -13.35
CA TYR H 116 8.37 26.55 -12.87
CA VAL H 117 4.90 27.18 -13.97
CA ASP H 118 2.24 27.37 -11.84
CA VAL H 119 0.33 25.26 -14.12
CA VAL H 120 1.33 23.31 -16.95
CA PHE H 121 -1.49 22.12 -18.96
CA ALA H 122 -1.92 19.48 -21.51
CA ASN H 123 -3.80 20.89 -24.43
CA ARG H 124 -5.05 17.70 -25.68
CA PRO H 125 -5.15 14.34 -24.19
CA ASP H 126 -4.04 11.44 -26.25
CA PRO H 127 -4.59 7.78 -25.78
CA ASN H 128 -1.83 6.78 -28.05
CA THR H 129 -0.12 8.08 -25.12
CA PRO H 130 -1.15 6.01 -22.19
CA MET H 131 -1.31 8.54 -19.41
CA GLU H 132 -0.07 7.20 -16.28
CA GLU H 133 3.51 7.52 -16.71
CA THR H 134 2.81 10.87 -18.00
CA VAL H 135 1.36 11.60 -14.83
CA ARG H 136 4.48 10.29 -13.18
CA ALA H 137 6.34 12.70 -15.31
CA MET H 138 4.33 15.47 -13.92
CA THR H 139 5.27 14.22 -10.72
CA HIS H 140 8.70 14.16 -11.66
CA VAL H 141 8.71 17.66 -12.49
CA ILE H 142 7.05 18.86 -9.53
CA ASN H 143 9.54 17.30 -7.36
CA GLN H 144 11.96 18.86 -9.52
CA GLY H 145 10.12 22.00 -9.19
CA MET H 146 10.63 22.14 -12.88
CA ALA H 147 7.09 23.35 -12.45
CA MET H 148 4.96 23.69 -9.50
CA TYR H 149 1.65 22.36 -10.90
CA TRP H 150 -0.15 20.90 -13.79
CA GLY H 151 -3.61 20.60 -15.39
CA THR H 152 -5.34 18.89 -18.27
CA SER H 153 -6.99 20.44 -21.09
CA ARG H 154 -9.49 19.44 -23.40
CA TRP H 155 -10.22 16.10 -22.30
CA SER H 156 -13.19 14.35 -21.02
CA SER H 157 -13.60 14.50 -17.56
CA MET H 158 -13.98 11.04 -16.84
CA GLU H 159 -10.87 10.12 -18.15
CA ILE H 160 -9.39 12.91 -16.61
CA MET H 161 -10.41 11.59 -13.40
CA GLU H 162 -9.37 8.34 -14.36
CA ALA H 163 -6.00 9.51 -14.65
CA TYR H 164 -6.27 10.76 -11.23
CA SER H 165 -7.23 7.48 -10.22
CA VAL H 166 -4.21 5.92 -11.57
CA ALA H 167 -2.35 8.40 -9.88
CA ARG H 168 -4.11 7.91 -6.71
CA GLN H 169 -2.89 4.58 -6.20
CA PHE H 170 0.23 5.74 -7.58
CA ASN H 171 0.73 8.47 -5.26
CA LEU H 172 1.27 11.13 -7.65
CA ILE H 173 -0.90 14.06 -7.45
CA PRO H 174 -3.63 14.83 -9.81
CA PRO H 175 -3.66 18.09 -11.49
CA ILE H 176 -5.72 20.68 -10.03
CA CYS H 177 -7.56 21.94 -13.10
CA GLU H 178 -9.10 21.31 -16.42
CA GLN H 179 -9.07 23.85 -19.20
CA ALA H 180 -11.97 24.76 -21.43
CA GLU H 181 -13.44 26.81 -24.07
CA TYR H 182 -16.35 28.46 -22.22
CA HIS H 183 -19.51 30.34 -22.46
CA MET H 184 -22.61 29.46 -24.10
CA PHE H 185 -20.93 27.91 -26.86
CA GLN H 186 -19.45 26.14 -24.11
CA ARG H 187 -21.82 26.29 -21.39
CA GLU H 188 -22.25 22.59 -21.45
CA LYS H 189 -19.34 20.72 -20.19
CA VAL H 190 -18.84 23.04 -17.63
CA GLU H 191 -22.08 23.32 -16.22
CA VAL H 192 -22.84 19.90 -16.07
CA GLN H 193 -19.84 17.90 -15.71
CA LEU H 194 -17.66 19.86 -13.83
CA PRO H 195 -19.18 20.37 -10.47
CA GLU H 196 -19.54 16.69 -9.95
CA LEU H 197 -16.02 16.39 -10.57
CA PHE H 198 -15.63 19.09 -8.14
CA HIS H 199 -17.11 16.89 -5.49
CA LYS H 200 -14.84 14.12 -6.25
CA ILE H 201 -11.83 15.86 -7.44
CA GLY H 202 -12.57 19.47 -6.57
CA VAL H 203 -10.35 20.57 -9.33
CA GLY H 204 -10.59 23.97 -10.88
CA ALA H 205 -12.51 25.31 -13.72
CA MET H 206 -10.71 27.15 -16.23
CA THR H 207 -11.90 28.65 -19.33
CA TRP H 208 -9.89 30.10 -22.07
CA SER H 209 -11.35 31.98 -24.95
CA PRO H 210 -14.16 32.47 -22.67
CA LEU H 211 -15.77 34.88 -24.91
CA ALA H 212 -14.54 32.61 -27.39
CA CYS H 213 -11.73 34.86 -26.79
CA GLY H 214 -13.27 38.04 -27.93
CA ILE H 215 -16.10 36.42 -29.81
CA VAL H 216 -18.17 38.04 -27.20
CA SER H 217 -16.73 41.30 -28.42
CA GLY H 218 -19.25 40.89 -31.11
CA LYS H 219 -16.89 42.21 -33.76
CA TYR H 220 -18.64 39.68 -35.78
CA ASP H 221 -21.44 42.17 -35.97
CA SER H 222 -20.04 42.96 -39.22
CA GLY H 223 -18.06 39.77 -39.51
CA ILE H 224 -14.76 41.54 -39.67
CA PRO H 225 -14.09 44.87 -38.46
CA PRO H 226 -10.50 44.21 -39.29
CA TYR H 227 -8.49 43.63 -36.21
CA SER H 228 -10.74 41.12 -35.11
CA ARG H 229 -8.40 38.52 -33.89
CA ALA H 230 -10.02 36.53 -36.62
CA SER H 231 -9.19 39.20 -39.11
CA LEU H 232 -5.74 37.95 -38.83
CA LYS H 233 -5.08 34.74 -40.64
CA GLY H 234 -5.03 31.38 -39.00
CA TYR H 235 -8.22 31.54 -37.02
CA GLN H 236 -9.76 31.34 -40.22
CA TRP H 237 -11.62 28.21 -39.67
CA LEU H 238 -13.04 29.70 -36.57
CA LYS H 239 -13.54 32.72 -38.59
CA ASP H 240 -15.37 30.60 -40.97
CA LYS H 241 -17.46 29.68 -38.08
CA ILE H 242 -18.02 33.35 -37.68
CA LEU H 243 -18.78 33.46 -41.30
CA SER H 244 -21.16 30.64 -40.65
CA GLU H 245 -24.73 30.50 -40.96
CA GLU H 246 -24.50 29.36 -37.55
CA GLY H 247 -22.84 32.58 -36.99
CA ARG H 248 -25.94 34.19 -38.33
CA ARG H 249 -27.80 32.42 -35.68
CA GLN H 250 -25.25 33.83 -33.46
CA GLN H 251 -26.12 37.18 -34.69
CA ALA H 252 -29.49 36.34 -33.61
CA LYS H 253 -28.02 35.53 -30.38
CA LEU H 254 -26.11 38.61 -30.58
CA LYS H 255 -29.26 40.46 -30.75
CA GLU H 256 -30.36 38.81 -27.75
CA LEU H 257 -27.17 39.43 -26.17
CA GLN H 258 -27.34 42.82 -27.20
CA ALA H 259 -30.70 42.95 -25.69
CA ILE H 260 -29.27 42.15 -22.48
CA ALA H 261 -26.44 44.42 -22.75
CA GLU H 262 -28.24 47.58 -23.04
CA ARG H 263 -30.85 46.46 -20.73
CA LEU H 264 -28.73 46.48 -17.72
CA GLY H 265 -26.76 49.05 -19.63
CA CYS H 266 -23.38 47.59 -19.52
CA THR H 267 -20.93 46.47 -22.17
CA LEU H 268 -21.75 43.38 -23.75
CA PRO H 269 -18.39 42.09 -23.28
CA GLN H 270 -18.29 42.96 -19.73
CA LEU H 271 -21.53 41.53 -19.07
CA ALA H 272 -20.72 38.63 -21.04
CA ILE H 273 -17.78 38.07 -18.97
CA ALA H 274 -19.65 38.81 -15.95
CA TRP H 275 -22.09 36.26 -16.89
CA CYS H 276 -19.48 33.77 -16.93
CA LEU H 277 -18.68 34.59 -13.48
CA ARG H 278 -22.10 34.03 -12.33
CA ASN H 279 -21.24 30.52 -11.30
CA GLU H 280 -18.58 29.81 -8.98
CA GLY H 281 -17.53 26.26 -9.62
CA VAL H 282 -15.78 28.48 -11.99
CA SER H 283 -12.33 29.34 -11.02
CA SER H 284 -10.73 31.34 -13.63
CA VAL H 285 -11.34 32.86 -16.82
CA LEU H 286 -8.56 33.53 -18.97
CA LEU H 287 -8.65 37.01 -19.99
CA GLY H 288 -7.61 39.41 -22.60
CA ALA H 289 -8.04 43.05 -23.35
CA SER H 290 -6.17 44.07 -26.33
CA ASN H 291 -5.62 47.46 -25.29
CA ALA H 292 -6.50 48.52 -21.96
CA GLU H 293 -9.92 49.71 -22.44
CA GLN H 294 -10.96 46.21 -23.18
CA LEU H 295 -9.33 45.27 -20.01
CA MET H 296 -10.94 47.94 -18.29
CA GLU H 297 -14.10 46.76 -19.48
CA ASN H 298 -13.04 43.32 -18.72
CA ILE H 299 -12.28 44.01 -15.18
CA GLY H 300 -15.46 45.83 -14.75
CA ALA H 301 -17.45 42.68 -15.19
CA ILE H 302 -16.62 41.59 -11.77
CA GLN H 303 -18.23 44.62 -10.45
CA VAL H 304 -21.29 43.68 -12.20
CA LEU H 305 -21.44 40.40 -10.66
CA PRO H 306 -23.20 41.24 -7.46
CA LYS H 307 -25.36 43.43 -9.44
CA LEU H 308 -26.44 40.54 -11.43
CA SER H 309 -29.68 39.06 -10.48
CA SER H 310 -30.10 35.48 -10.66
CA SER H 311 -33.15 36.33 -12.53
CA ILE H 312 -31.23 38.04 -15.13
CA VAL H 313 -29.36 35.00 -15.68
CA HIS H 314 -32.48 33.14 -16.10
CA GLU H 315 -33.59 35.53 -18.60
CA ILE H 316 -30.54 35.08 -20.36
CA ASP H 317 -30.36 31.46 -20.21
CA SER H 318 -33.70 31.14 -21.48
CA ILE H 319 -33.13 33.68 -23.95
CA LEU H 320 -30.46 31.73 -25.54
CA GLY H 321 -32.35 28.83 -24.43
CA ASN H 322 -29.23 27.12 -23.31
CA LYS H 323 -29.33 24.60 -20.75
CA PRO H 324 -28.46 21.10 -20.67
CA TYR H 325 -30.77 19.55 -18.12
CA SER H 326 -29.56 16.73 -15.87
#